data_8IKH
#
_entry.id   8IKH
#
loop_
_entity.id
_entity.type
_entity.pdbx_description
1 polymer 'Guanine nucleotide-binding protein G(i) subunit alpha-1'
2 polymer 'Guanine nucleotide-binding protein G(I)/G(S)/G(T) subunit beta-1'
3 polymer 'Guanine nucleotide-binding protein G(I)/G(S)/G(O) subunit gamma-2'
4 polymer 'Cannabinoid receptor 1'
5 polymer scFV16
6 non-polymer 3-[(1R)-1-(2-methoxyphenyl)-2-nitro-ethyl]-2-phenyl-1H-indole
#
loop_
_entity_poly.entity_id
_entity_poly.type
_entity_poly.pdbx_seq_one_letter_code
_entity_poly.pdbx_strand_id
1 'polypeptide(L)'
;MGCTLSAEDKAAVERSKMIDRNLREDGEKAAREVKLLLLGAGESGKSTIVKQMKIIHEAGYSEEECKQYKAVVYSNTIQS
IIAIIRAMGRLKIDFGDSARADDARQLFVLAGAAEEGFMTAELAGVIKRLWKDSGVQACFNRSREYQLNDSAAYYLNDLD
RIAQPNYIPTQQDVLRTRVKTTGIVETHFTFKDLHFKMFDVGGQRSERKKWIHCFEGVTAIIFCVALSDYDLVLAEDEEM
NRMHESMKLFDSICNNKWFTDTSIILFLNKKDLFEEKIKKSPLTICYPEYAGSNTYEEAAAYIQCQFEDLNKRKDTKEIY
THFTCATDTKNVQFVFDAVTDVIIKNNLKDCGLF
;
A
2 'polypeptide(L)'
;MHHHHLEVLFQGPGSSGSELDQLRQEAEQLKNQIRDARKACADATLSQITNNIDPVGRIQMRTRRTLRGHLAKIYAMHWG
TDSRLLVSASQDGKLIIWDSYTTNKVHAIPLRSSWVMTCAYAPSGNYVACGGLDNICSIYNLKTREGNVRVSRELAGHTG
YLSCCRFLDDNQIVTSSGDTTCALWDIETGQQTTTFTGHTGDVMSLSLAPDTRLFVSGACDASAKLWDVREGMCRQTFTG
HESDINAICFFPNGNAFATGSDDATCRLFDLRADQELMTYSHDNIICGITSVSFSKSGRLLLAGYDDFNCNVWDALKADR
AGVLAGHDNRVSCLGVTDDGMAVATGSWDSFLKIWN
;
B
3 'polypeptide(L)' MASNNTASIAQARKLVEQLKMEANIDRIKVSKAAADLMAYCEAHAKEDPLLTPVPASENPFREKKFFCAIL C
4 'polypeptide(L)'
;GENFMDIECFMVLNPSQQLAIAVLSLTLGTFTVLENLLVLCVILHSRSLRCRPSYHFIGSLAVADLLGSVIFVYSFIDFH
VFHRKDSRNVFLFKLGGVTASFTASVGSLFLTAIDRYISIHRPLAYKRIVTRPKAVVAFCLMWTIAIVIAVLPLLGWNCE
KLQSVCSDIFPHIDETYLMFWIGVTSVLLLFIVYAYMYILWKAHSHAVRMIQRGTQKSIIIHTSEDGKVQVTRPDQARMD
IRLAKTLVLILVVLIICWGPLLAIMVYDVFGKMNKLIKTVFAFCSMLCLLNSTVNPIIYALRSKDLRHAF
;
R
5 'polypeptide(L)'
;DVQLVESGGGLVQPGGSRKLSCSASGFAFSSFGMHWVRQAPEKGLEWVAYISSGSGTIYYADTVKGRFTISRDDPKNTLF
LQMTSLRSEDTAMYYCVRSIYYYGSSPFDFWGQGTTLTVSSGGGGSGGGGSGGGGSDIVMTQATSSVPVTPGESVSISCR
SSKSLLHSNGNTYLYWFLQRPGQSPQLLIYRMSNLASGVPDRFSGSGSGTAFTLTISRLEAEDVGVYYCMQHLEYPLTFG
AGTKLELKAAAENLYFQGHHHHHHHH
;
S
#
# COMPACT_ATOMS: atom_id res chain seq x y z
N THR A 4 4.97 -28.35 -9.11
CA THR A 4 3.61 -28.75 -9.46
C THR A 4 2.97 -27.76 -10.43
N LEU A 5 3.62 -26.60 -10.58
CA LEU A 5 3.11 -25.57 -11.48
C LEU A 5 3.27 -26.00 -12.93
N SER A 6 2.40 -25.48 -13.78
CA SER A 6 2.46 -25.76 -15.21
C SER A 6 3.50 -24.87 -15.88
N ALA A 7 3.73 -25.11 -17.17
CA ALA A 7 4.63 -24.25 -17.94
C ALA A 7 4.06 -22.85 -18.05
N GLU A 8 2.73 -22.73 -18.16
CA GLU A 8 2.10 -21.42 -18.21
C GLU A 8 2.24 -20.68 -16.88
N ASP A 9 1.98 -21.38 -15.78
CA ASP A 9 2.02 -20.73 -14.46
C ASP A 9 3.44 -20.37 -14.05
N LYS A 10 4.41 -21.23 -14.38
CA LYS A 10 5.80 -20.95 -14.00
C LYS A 10 6.31 -19.68 -14.68
N ALA A 11 5.94 -19.47 -15.95
CA ALA A 11 6.32 -18.26 -16.65
C ALA A 11 5.53 -17.04 -16.19
N ALA A 12 4.40 -17.24 -15.52
CA ALA A 12 3.57 -16.15 -15.03
C ALA A 12 3.91 -15.75 -13.60
N VAL A 13 4.87 -16.42 -12.97
CA VAL A 13 5.32 -16.07 -11.62
C VAL A 13 6.52 -15.13 -11.74
N GLU A 14 7.36 -15.39 -12.74
CA GLU A 14 8.47 -14.48 -13.02
C GLU A 14 7.96 -13.09 -13.40
N ARG A 15 6.79 -13.02 -14.05
CA ARG A 15 6.17 -11.73 -14.35
C ARG A 15 5.85 -10.98 -13.06
N SER A 16 5.26 -11.68 -12.08
CA SER A 16 4.95 -11.05 -10.81
C SER A 16 6.22 -10.65 -10.07
N LYS A 17 7.27 -11.46 -10.16
CA LYS A 17 8.54 -11.10 -9.54
C LYS A 17 9.12 -9.84 -10.16
N MET A 18 9.05 -9.72 -11.49
CA MET A 18 9.53 -8.51 -12.15
C MET A 18 8.71 -7.29 -11.73
N ILE A 19 7.39 -7.45 -11.62
CA ILE A 19 6.55 -6.35 -11.16
C ILE A 19 6.92 -5.95 -9.74
N ASP A 20 7.15 -6.93 -8.86
CA ASP A 20 7.54 -6.63 -7.49
C ASP A 20 8.86 -5.87 -7.46
N ARG A 21 9.83 -6.29 -8.26
CA ARG A 21 11.11 -5.59 -8.32
C ARG A 21 10.92 -4.16 -8.82
N ASN A 22 10.08 -3.97 -9.83
CA ASN A 22 9.86 -2.64 -10.37
C ASN A 22 9.22 -1.71 -9.35
N LEU A 23 8.20 -2.19 -8.62
CA LEU A 23 7.61 -1.36 -7.58
C LEU A 23 8.56 -1.12 -6.42
N ARG A 24 9.39 -2.12 -6.09
CA ARG A 24 10.35 -1.92 -5.00
C ARG A 24 11.37 -0.86 -5.36
N GLU A 25 11.93 -0.90 -6.58
CA GLU A 25 12.90 0.12 -6.97
C GLU A 25 12.23 1.48 -7.16
N ASP A 26 10.99 1.48 -7.61
CA ASP A 26 10.24 2.73 -7.78
C ASP A 26 9.75 3.30 -6.45
N GLY A 27 9.43 2.45 -5.47
CA GLY A 27 8.89 2.92 -4.21
C GLY A 27 9.90 3.57 -3.29
N GLU A 28 11.18 3.29 -3.48
CA GLU A 28 12.22 3.91 -2.67
C GLU A 28 12.66 5.27 -3.20
N LYS A 29 12.21 5.65 -4.40
CA LYS A 29 12.47 6.98 -4.93
C LYS A 29 11.49 8.01 -4.40
N ALA A 30 10.38 7.58 -3.82
CA ALA A 30 9.39 8.47 -3.24
C ALA A 30 9.55 8.66 -1.74
N ALA A 31 10.57 8.04 -1.14
CA ALA A 31 10.86 8.20 0.27
C ALA A 31 12.02 9.16 0.55
N ARG A 32 12.70 9.63 -0.49
CA ARG A 32 13.78 10.59 -0.35
C ARG A 32 13.34 12.02 -0.64
N GLU A 33 12.03 12.25 -0.80
CA GLU A 33 11.50 13.56 -1.12
C GLU A 33 10.66 14.06 0.05
N VAL A 34 10.85 15.32 0.41
CA VAL A 34 10.17 15.93 1.55
C VAL A 34 8.91 16.62 1.05
N LYS A 35 7.80 16.38 1.75
CA LYS A 35 6.50 16.92 1.38
C LYS A 35 6.17 18.12 2.25
N LEU A 36 5.88 19.25 1.60
CA LEU A 36 5.46 20.48 2.29
C LEU A 36 4.15 20.94 1.68
N LEU A 37 3.21 21.37 2.53
CA LEU A 37 1.88 21.73 2.08
C LEU A 37 1.65 23.23 2.25
N LEU A 38 1.42 23.93 1.14
CA LEU A 38 1.01 25.33 1.20
C LEU A 38 -0.46 25.42 1.56
N LEU A 39 -0.78 26.26 2.55
CA LEU A 39 -2.16 26.39 2.99
C LEU A 39 -2.53 27.85 3.31
N GLY A 40 -1.76 28.82 2.82
CA GLY A 40 -2.05 30.20 3.10
C GLY A 40 -3.17 30.76 2.22
N ALA A 41 -3.51 32.01 2.48
CA ALA A 41 -4.54 32.68 1.71
C ALA A 41 -4.08 32.92 0.27
N GLY A 42 -5.05 32.94 -0.65
CA GLY A 42 -4.71 33.06 -2.06
C GLY A 42 -4.05 34.38 -2.41
N GLU A 43 -4.54 35.48 -1.85
CA GLU A 43 -4.05 36.81 -2.17
C GLU A 43 -3.05 37.33 -1.14
N SER A 44 -2.58 36.46 -0.23
CA SER A 44 -1.61 36.88 0.78
C SER A 44 -0.18 36.93 0.26
N GLY A 45 0.08 36.37 -0.92
CA GLY A 45 1.41 36.42 -1.48
C GLY A 45 1.96 35.05 -1.87
N LYS A 46 1.08 34.06 -1.98
CA LYS A 46 1.52 32.73 -2.39
C LYS A 46 2.07 32.75 -3.81
N SER A 47 1.41 33.48 -4.72
CA SER A 47 1.88 33.55 -6.09
C SER A 47 3.22 34.28 -6.19
N THR A 48 3.50 35.19 -5.26
CA THR A 48 4.74 35.96 -5.27
C THR A 48 5.86 35.28 -4.51
N ILE A 49 5.61 34.12 -3.89
CA ILE A 49 6.63 33.42 -3.14
C ILE A 49 7.02 32.09 -3.77
N VAL A 50 6.15 31.48 -4.56
CA VAL A 50 6.49 30.20 -5.20
C VAL A 50 7.54 30.42 -6.29
N LYS A 51 7.42 31.51 -7.06
CA LYS A 51 8.40 31.83 -8.09
C LYS A 51 9.61 32.56 -7.55
N GLN A 52 9.55 33.06 -6.31
CA GLN A 52 10.69 33.79 -5.75
C GLN A 52 11.83 32.85 -5.36
N MET A 53 11.50 31.63 -4.91
CA MET A 53 12.53 30.69 -4.47
C MET A 53 13.43 30.28 -5.63
N LYS A 54 12.86 30.06 -6.81
CA LYS A 54 13.64 29.64 -7.97
C LYS A 54 14.55 30.77 -8.45
N THR A 182 -7.84 24.40 -11.51
CA THR A 182 -8.28 23.03 -11.81
C THR A 182 -8.28 22.18 -10.54
N GLY A 183 -7.19 22.25 -9.78
CA GLY A 183 -7.08 21.47 -8.56
C GLY A 183 -5.76 21.68 -7.85
N ILE A 184 -5.15 20.58 -7.39
CA ILE A 184 -3.87 20.66 -6.70
C ILE A 184 -2.76 20.94 -7.70
N VAL A 185 -1.80 21.77 -7.30
CA VAL A 185 -0.63 22.09 -8.12
C VAL A 185 0.60 21.59 -7.39
N GLU A 186 1.39 20.76 -8.06
CA GLU A 186 2.58 20.16 -7.48
C GLU A 186 3.82 20.84 -8.05
N THR A 187 4.72 21.26 -7.17
CA THR A 187 5.98 21.90 -7.55
C THR A 187 7.13 21.09 -6.98
N HIS A 188 8.16 20.86 -7.79
CA HIS A 188 9.33 20.08 -7.39
C HIS A 188 10.55 20.98 -7.39
N PHE A 189 11.18 21.11 -6.22
CA PHE A 189 12.38 21.93 -6.07
C PHE A 189 13.52 21.07 -5.53
N THR A 190 14.74 21.58 -5.67
CA THR A 190 15.92 20.93 -5.12
C THR A 190 16.74 21.96 -4.35
N PHE A 191 17.35 21.51 -3.26
CA PHE A 191 18.17 22.38 -2.43
C PHE A 191 19.04 21.52 -1.52
N LYS A 192 20.35 21.75 -1.56
CA LYS A 192 21.32 21.02 -0.72
C LYS A 192 21.17 19.51 -0.90
N ASP A 193 21.02 19.09 -2.15
CA ASP A 193 20.84 17.67 -2.51
C ASP A 193 19.62 17.07 -1.83
N LEU A 194 18.59 17.88 -1.61
CA LEU A 194 17.34 17.44 -1.01
C LEU A 194 16.20 17.88 -1.89
N HIS A 195 15.29 16.97 -2.21
CA HIS A 195 14.17 17.24 -3.10
C HIS A 195 12.93 17.59 -2.29
N PHE A 196 12.29 18.70 -2.63
CA PHE A 196 11.11 19.19 -1.95
C PHE A 196 9.91 19.12 -2.88
N LYS A 197 8.82 18.53 -2.40
CA LYS A 197 7.55 18.52 -3.09
C LYS A 197 6.62 19.50 -2.37
N MET A 198 6.06 20.45 -3.13
CA MET A 198 5.22 21.49 -2.58
C MET A 198 3.84 21.40 -3.23
N PHE A 199 2.81 21.21 -2.41
CA PHE A 199 1.45 21.01 -2.89
C PHE A 199 0.63 22.25 -2.57
N ASP A 200 0.08 22.89 -3.59
CA ASP A 200 -0.75 24.08 -3.43
C ASP A 200 -2.19 23.71 -3.81
N VAL A 201 -3.08 23.74 -2.83
CA VAL A 201 -4.52 23.61 -3.09
C VAL A 201 -5.05 25.04 -3.23
N GLY A 202 -4.91 25.58 -4.44
CA GLY A 202 -5.25 26.96 -4.68
C GLY A 202 -6.73 27.24 -4.89
N GLY A 203 -7.30 26.65 -5.92
CA GLY A 203 -8.68 26.94 -6.27
C GLY A 203 -9.61 25.75 -6.21
N GLN A 204 -9.44 24.89 -5.21
CA GLN A 204 -10.34 23.76 -5.05
C GLN A 204 -11.75 24.21 -4.73
N ARG A 205 -11.88 25.17 -3.81
CA ARG A 205 -13.18 25.74 -3.43
C ARG A 205 -14.17 24.67 -3.01
N SER A 206 -13.69 23.66 -2.28
CA SER A 206 -14.50 22.57 -1.79
C SER A 206 -14.37 22.46 -0.27
N GLU A 207 -15.15 21.55 0.31
CA GLU A 207 -15.11 21.34 1.74
C GLU A 207 -13.74 20.79 2.15
N ARG A 208 -13.02 21.57 2.96
CA ARG A 208 -11.68 21.17 3.37
C ARG A 208 -11.67 19.90 4.21
N LYS A 209 -12.78 19.56 4.84
CA LYS A 209 -12.86 18.39 5.71
C LYS A 209 -12.92 17.08 4.94
N LYS A 210 -13.07 17.11 3.61
CA LYS A 210 -13.24 15.90 2.84
C LYS A 210 -12.03 15.52 1.99
N TRP A 211 -11.04 16.42 1.85
CA TRP A 211 -9.82 16.10 1.11
C TRP A 211 -8.56 16.42 1.89
N ILE A 212 -8.66 16.75 3.18
CA ILE A 212 -7.48 17.00 4.00
C ILE A 212 -6.87 15.73 4.54
N HIS A 213 -7.54 14.59 4.39
CA HIS A 213 -6.98 13.33 4.87
C HIS A 213 -5.73 12.94 4.10
N CYS A 214 -5.70 13.24 2.80
CA CYS A 214 -4.59 12.82 1.95
C CYS A 214 -3.27 13.44 2.36
N PHE A 215 -3.29 14.57 3.08
CA PHE A 215 -2.08 15.26 3.47
C PHE A 215 -1.61 14.90 4.88
N GLU A 216 -2.20 13.87 5.49
CA GLU A 216 -1.71 13.38 6.76
C GLU A 216 -0.35 12.72 6.56
N GLY A 217 0.64 13.15 7.35
CA GLY A 217 2.00 12.70 7.18
C GLY A 217 2.90 13.67 6.45
N VAL A 218 2.39 14.84 6.07
CA VAL A 218 3.22 15.86 5.43
C VAL A 218 4.19 16.44 6.45
N THR A 219 5.43 16.69 6.02
CA THR A 219 6.47 17.13 6.94
C THR A 219 6.13 18.47 7.59
N ALA A 220 5.64 19.43 6.81
CA ALA A 220 5.35 20.74 7.38
C ALA A 220 4.28 21.44 6.54
N ILE A 221 3.58 22.37 7.20
CA ILE A 221 2.55 23.18 6.58
C ILE A 221 3.01 24.63 6.58
N ILE A 222 3.09 25.22 5.39
CA ILE A 222 3.56 26.59 5.22
C ILE A 222 2.33 27.49 5.15
N PHE A 223 2.07 28.22 6.24
CA PHE A 223 0.96 29.16 6.32
C PHE A 223 1.50 30.56 6.05
N CYS A 224 0.82 31.30 5.18
CA CYS A 224 1.24 32.63 4.79
C CYS A 224 0.11 33.62 4.98
N VAL A 225 0.42 34.82 5.49
CA VAL A 225 -0.56 35.88 5.65
C VAL A 225 0.01 37.18 5.08
N ALA A 226 -0.88 38.11 4.76
CA ALA A 226 -0.49 39.37 4.17
C ALA A 226 -0.03 40.40 5.19
N LEU A 227 -0.48 40.31 6.44
CA LEU A 227 -0.06 41.13 7.56
C LEU A 227 -0.45 42.61 7.40
N SER A 228 -1.08 42.99 6.28
CA SER A 228 -1.46 44.37 6.05
C SER A 228 -2.93 44.47 5.64
N ASP A 229 -3.74 43.51 6.06
CA ASP A 229 -5.17 43.49 5.76
C ASP A 229 -6.03 43.78 6.99
N TYR A 230 -5.47 44.45 8.01
CA TYR A 230 -6.25 44.87 9.16
C TYR A 230 -6.98 46.17 8.92
N ASP A 231 -6.79 46.80 7.76
CA ASP A 231 -7.39 48.09 7.43
C ASP A 231 -8.72 47.96 6.71
N LEU A 232 -9.25 46.74 6.54
CA LEU A 232 -10.51 46.56 5.83
C LEU A 232 -11.71 47.10 6.59
N VAL A 233 -11.56 47.44 7.86
CA VAL A 233 -12.67 47.99 8.63
C VAL A 233 -12.90 49.45 8.26
N ASN A 241 -13.97 41.95 9.30
CA ASN A 241 -12.59 42.04 8.84
C ASN A 241 -12.07 40.67 8.44
N ARG A 242 -11.32 40.62 7.33
CA ARG A 242 -10.73 39.37 6.88
C ARG A 242 -9.48 38.98 7.66
N MET A 243 -8.94 39.89 8.46
CA MET A 243 -7.86 39.52 9.38
C MET A 243 -8.35 38.52 10.42
N HIS A 244 -9.56 38.72 10.93
CA HIS A 244 -10.17 37.72 11.81
C HIS A 244 -10.44 36.43 11.05
N GLU A 245 -10.74 36.51 9.75
CA GLU A 245 -10.89 35.30 8.96
C GLU A 245 -9.58 34.53 8.88
N SER A 246 -8.46 35.23 8.69
CA SER A 246 -7.16 34.58 8.68
C SER A 246 -6.86 33.96 10.04
N MET A 247 -7.20 34.67 11.12
CA MET A 247 -6.99 34.13 12.47
C MET A 247 -7.80 32.86 12.67
N LYS A 248 -9.06 32.86 12.23
CA LYS A 248 -9.90 31.67 12.37
C LYS A 248 -9.34 30.51 11.54
N LEU A 249 -8.87 30.80 10.32
CA LEU A 249 -8.30 29.75 9.48
C LEU A 249 -7.05 29.15 10.12
N PHE A 250 -6.18 30.00 10.68
CA PHE A 250 -4.99 29.49 11.37
C PHE A 250 -5.39 28.66 12.58
N ASP A 251 -6.39 29.10 13.34
CA ASP A 251 -6.86 28.33 14.48
C ASP A 251 -7.38 26.97 14.04
N SER A 252 -8.15 26.92 12.94
CA SER A 252 -8.70 25.66 12.48
C SER A 252 -7.61 24.72 11.99
N ILE A 253 -6.62 25.23 11.25
CA ILE A 253 -5.58 24.37 10.71
C ILE A 253 -4.65 23.88 11.82
N CYS A 254 -4.29 24.76 12.75
CA CYS A 254 -3.34 24.39 13.80
C CYS A 254 -3.92 23.32 14.72
N ASN A 255 -5.21 23.42 15.04
CA ASN A 255 -5.85 22.51 15.97
C ASN A 255 -6.51 21.33 15.29
N ASN A 256 -6.17 21.06 14.03
CA ASN A 256 -6.73 19.93 13.31
C ASN A 256 -6.25 18.62 13.92
N LYS A 257 -7.12 17.60 13.87
CA LYS A 257 -6.78 16.31 14.45
C LYS A 257 -5.70 15.58 13.65
N TRP A 258 -5.69 15.77 12.32
CA TRP A 258 -4.70 15.09 11.49
C TRP A 258 -3.32 15.71 11.64
N PHE A 259 -3.25 17.01 11.93
CA PHE A 259 -1.98 17.74 12.02
C PHE A 259 -1.58 18.00 13.46
N THR A 260 -1.83 17.05 14.36
CA THR A 260 -1.47 17.22 15.76
C THR A 260 0.04 17.16 15.99
N ASP A 261 0.80 16.62 15.03
CA ASP A 261 2.25 16.53 15.17
C ASP A 261 2.97 17.09 13.95
N THR A 262 2.31 17.95 13.18
CA THR A 262 2.90 18.56 11.99
C THR A 262 3.26 20.00 12.27
N SER A 263 4.51 20.36 12.00
CA SER A 263 4.97 21.72 12.25
C SER A 263 4.37 22.70 11.24
N ILE A 264 4.23 23.95 11.68
CA ILE A 264 3.67 25.02 10.86
C ILE A 264 4.71 26.12 10.76
N ILE A 265 4.97 26.58 9.54
CA ILE A 265 5.91 27.67 9.26
C ILE A 265 5.08 28.87 8.86
N LEU A 266 5.13 29.93 9.66
CA LEU A 266 4.32 31.11 9.46
C LEU A 266 5.12 32.18 8.72
N PHE A 267 4.52 32.74 7.67
CA PHE A 267 5.14 33.76 6.83
C PHE A 267 4.31 35.04 6.91
N LEU A 268 4.81 36.03 7.64
CA LEU A 268 4.21 37.35 7.67
C LEU A 268 4.83 38.18 6.54
N ASN A 269 4.05 38.44 5.50
CA ASN A 269 4.55 39.06 4.28
C ASN A 269 4.06 40.50 4.17
N LYS A 270 4.38 41.13 3.04
CA LYS A 270 3.95 42.48 2.69
C LYS A 270 4.34 43.48 3.79
N LYS A 271 5.64 43.53 4.07
CA LYS A 271 6.15 44.47 5.06
C LYS A 271 6.24 45.89 4.53
N ASP A 272 6.38 46.06 3.22
CA ASP A 272 6.60 47.39 2.65
C ASP A 272 5.41 48.30 2.91
N LEU A 273 4.21 47.85 2.55
CA LEU A 273 3.03 48.67 2.75
C LEU A 273 2.75 48.91 4.22
N PHE A 274 2.91 47.88 5.05
CA PHE A 274 2.64 48.01 6.47
C PHE A 274 3.60 49.00 7.13
N GLU A 275 4.87 48.99 6.71
CA GLU A 275 5.84 49.92 7.24
C GLU A 275 5.67 51.33 6.69
N GLU A 276 5.20 51.46 5.45
CA GLU A 276 5.01 52.77 4.85
C GLU A 276 3.65 53.39 5.17
N LYS A 277 2.77 52.65 5.84
CA LYS A 277 1.48 53.19 6.26
C LYS A 277 1.47 53.63 7.72
N ILE A 278 2.64 53.69 8.36
CA ILE A 278 2.71 54.08 9.77
C ILE A 278 2.30 55.53 9.98
N LYS A 279 2.36 56.36 8.94
CA LYS A 279 1.98 57.76 9.08
C LYS A 279 0.51 57.90 9.44
N LYS A 280 -0.36 57.11 8.81
CA LYS A 280 -1.79 57.14 9.05
C LYS A 280 -2.34 55.73 9.24
N SER A 281 -1.66 54.93 10.06
CA SER A 281 -2.09 53.57 10.31
C SER A 281 -3.35 53.56 11.16
N PRO A 282 -4.46 52.98 10.68
CA PRO A 282 -5.71 52.94 11.46
C PRO A 282 -5.76 51.78 12.45
N LEU A 283 -4.66 51.58 13.19
CA LEU A 283 -4.65 50.54 14.22
C LEU A 283 -5.48 50.95 15.43
N THR A 284 -5.45 52.24 15.79
CA THR A 284 -6.29 52.72 16.88
C THR A 284 -7.75 52.81 16.47
N ILE A 285 -8.02 53.05 15.18
CA ILE A 285 -9.40 53.14 14.71
C ILE A 285 -10.09 51.78 14.84
N CYS A 286 -9.42 50.72 14.40
CA CYS A 286 -10.00 49.38 14.49
C CYS A 286 -10.02 48.83 15.91
N TYR A 287 -9.16 49.34 16.79
CA TYR A 287 -9.10 48.91 18.18
C TYR A 287 -9.12 50.14 19.07
N PRO A 288 -10.29 50.77 19.22
CA PRO A 288 -10.36 51.98 20.06
C PRO A 288 -10.00 51.74 21.51
N GLU A 289 -10.27 50.55 22.04
CA GLU A 289 -9.96 50.25 23.43
C GLU A 289 -8.52 49.82 23.65
N TYR A 290 -7.75 49.63 22.58
CA TYR A 290 -6.35 49.21 22.68
C TYR A 290 -5.43 50.41 22.48
N ALA A 291 -4.35 50.43 23.25
CA ALA A 291 -3.36 51.50 23.16
C ALA A 291 -1.98 50.89 22.97
N GLY A 292 -1.19 51.47 22.08
CA GLY A 292 0.14 50.95 21.83
C GLY A 292 0.98 51.99 21.10
N SER A 293 2.26 51.67 20.97
CA SER A 293 3.20 52.59 20.32
C SER A 293 2.98 52.60 18.81
N ASN A 294 3.39 53.70 18.18
CA ASN A 294 3.28 53.84 16.74
C ASN A 294 4.37 53.08 15.99
N THR A 295 5.41 52.62 16.67
CA THR A 295 6.48 51.87 16.01
C THR A 295 5.95 50.53 15.52
N TYR A 296 6.44 50.11 14.34
CA TYR A 296 5.98 48.88 13.74
C TYR A 296 6.54 47.64 14.44
N GLU A 297 7.71 47.75 15.08
CA GLU A 297 8.31 46.59 15.73
C GLU A 297 7.46 46.08 16.88
N GLU A 298 6.92 47.00 17.69
CA GLU A 298 6.08 46.61 18.81
C GLU A 298 4.80 45.92 18.31
N ALA A 299 4.19 46.48 17.26
CA ALA A 299 2.99 45.86 16.69
C ALA A 299 3.31 44.48 16.12
N ALA A 300 4.45 44.34 15.46
CA ALA A 300 4.84 43.04 14.91
C ALA A 300 5.05 42.02 16.03
N ALA A 301 5.71 42.42 17.11
CA ALA A 301 5.88 41.51 18.24
C ALA A 301 4.55 41.13 18.86
N TYR A 302 3.64 42.10 19.01
CA TYR A 302 2.34 41.81 19.59
C TYR A 302 1.54 40.84 18.72
N ILE A 303 1.55 41.05 17.40
CA ILE A 303 0.78 40.19 16.52
C ILE A 303 1.40 38.81 16.42
N GLN A 304 2.74 38.71 16.46
CA GLN A 304 3.37 37.40 16.51
C GLN A 304 3.00 36.66 17.78
N CYS A 305 2.97 37.37 18.92
CA CYS A 305 2.54 36.73 20.16
C CYS A 305 1.08 36.29 20.08
N GLN A 306 0.23 37.10 19.45
CA GLN A 306 -1.17 36.72 19.30
C GLN A 306 -1.31 35.46 18.45
N PHE A 307 -0.57 35.37 17.35
CA PHE A 307 -0.60 34.16 16.53
C PHE A 307 -0.04 32.95 17.27
N GLU A 308 1.03 33.14 18.05
CA GLU A 308 1.61 32.03 18.80
C GLU A 308 0.64 31.52 19.86
N ASP A 309 -0.07 32.43 20.54
CA ASP A 309 -1.00 32.04 21.58
C ASP A 309 -2.19 31.26 21.04
N LEU A 310 -2.45 31.33 19.74
CA LEU A 310 -3.55 30.58 19.16
C LEU A 310 -3.31 29.07 19.18
N ASN A 311 -2.05 28.65 19.32
CA ASN A 311 -1.75 27.23 19.37
C ASN A 311 -2.27 26.61 20.66
N LYS A 312 -2.82 25.40 20.55
CA LYS A 312 -3.31 24.66 21.70
C LYS A 312 -2.45 23.47 22.08
N ARG A 313 -1.61 22.99 21.16
CA ARG A 313 -0.70 21.88 21.43
C ARG A 313 0.72 22.46 21.50
N LYS A 314 1.16 22.75 22.71
CA LYS A 314 2.46 23.36 22.95
C LYS A 314 3.58 22.34 23.11
N ASP A 315 3.27 21.05 23.05
CA ASP A 315 4.26 20.00 23.27
C ASP A 315 4.72 19.33 21.98
N THR A 316 3.81 19.14 21.02
CA THR A 316 4.14 18.45 19.78
C THR A 316 4.48 19.42 18.65
N LYS A 317 3.55 20.31 18.34
CA LYS A 317 3.75 21.24 17.23
C LYS A 317 4.72 22.35 17.62
N GLU A 318 5.18 23.08 16.61
CA GLU A 318 6.08 24.21 16.83
C GLU A 318 5.91 25.17 15.66
N ILE A 319 5.55 26.42 15.96
CA ILE A 319 5.32 27.43 14.94
C ILE A 319 6.61 28.21 14.71
N TYR A 320 7.01 28.33 13.46
CA TYR A 320 8.22 29.07 13.08
C TYR A 320 7.83 30.32 12.32
N THR A 321 8.37 31.46 12.73
CA THR A 321 8.12 32.74 12.09
C THR A 321 9.41 33.23 11.45
N HIS A 322 9.28 33.82 10.26
CA HIS A 322 10.45 34.21 9.47
C HIS A 322 10.57 35.71 9.22
N PHE A 323 9.46 36.46 9.26
CA PHE A 323 9.45 37.87 8.87
C PHE A 323 9.94 38.05 7.43
N THR A 324 9.23 37.39 6.51
CA THR A 324 9.58 37.48 5.10
C THR A 324 9.26 38.87 4.55
N CYS A 325 10.07 39.33 3.61
CA CYS A 325 9.92 40.62 2.98
C CYS A 325 9.62 40.45 1.50
N ALA A 326 9.32 41.57 0.85
CA ALA A 326 9.04 41.55 -0.59
C ALA A 326 10.26 41.15 -1.40
N THR A 327 11.44 41.66 -1.03
CA THR A 327 12.67 41.45 -1.78
C THR A 327 13.65 40.56 -1.04
N ASP A 328 13.14 39.58 -0.30
CA ASP A 328 14.01 38.63 0.39
C ASP A 328 14.58 37.61 -0.60
N THR A 329 15.67 36.97 -0.18
CA THR A 329 16.35 35.98 -1.01
C THR A 329 16.60 34.70 -0.22
N LYS A 330 16.71 34.82 1.10
CA LYS A 330 17.07 33.72 1.98
C LYS A 330 15.85 33.00 2.55
N ASN A 331 14.73 32.97 1.81
CA ASN A 331 13.55 32.27 2.29
C ASN A 331 13.75 30.75 2.27
N VAL A 332 14.49 30.24 1.29
CA VAL A 332 14.70 28.79 1.18
C VAL A 332 15.55 28.28 2.33
N GLN A 333 16.52 29.08 2.78
CA GLN A 333 17.39 28.65 3.87
C GLN A 333 16.60 28.41 5.15
N PHE A 334 15.64 29.30 5.45
CA PHE A 334 14.85 29.15 6.67
C PHE A 334 14.03 27.87 6.65
N VAL A 335 13.37 27.58 5.52
CA VAL A 335 12.56 26.36 5.44
C VAL A 335 13.45 25.12 5.47
N PHE A 336 14.64 25.20 4.86
CA PHE A 336 15.57 24.07 4.92
C PHE A 336 16.00 23.80 6.35
N ASP A 337 16.34 24.84 7.10
CA ASP A 337 16.72 24.66 8.50
C ASP A 337 15.56 24.13 9.33
N ALA A 338 14.35 24.63 9.07
CA ALA A 338 13.18 24.15 9.81
C ALA A 338 12.92 22.67 9.54
N VAL A 339 13.01 22.24 8.28
CA VAL A 339 12.76 20.83 7.99
C VAL A 339 13.88 19.97 8.54
N THR A 340 15.12 20.45 8.52
CA THR A 340 16.21 19.70 9.16
C THR A 340 15.96 19.53 10.66
N ASP A 341 15.55 20.60 11.33
CA ASP A 341 15.28 20.51 12.76
C ASP A 341 14.13 19.55 13.04
N VAL A 342 13.05 19.63 12.27
CA VAL A 342 11.90 18.77 12.55
C VAL A 342 12.24 17.31 12.24
N ILE A 343 13.05 17.05 11.20
CA ILE A 343 13.39 15.66 10.90
C ILE A 343 14.33 15.10 11.96
N ILE A 344 15.25 15.92 12.49
CA ILE A 344 16.10 15.45 13.59
C ILE A 344 15.26 15.15 14.81
N LYS A 345 14.29 16.02 15.13
CA LYS A 345 13.42 15.77 16.27
C LYS A 345 12.58 14.51 16.08
N ASN A 346 12.09 14.29 14.85
CA ASN A 346 11.33 13.08 14.56
C ASN A 346 12.20 11.84 14.72
N ASN A 347 13.43 11.89 14.24
CA ASN A 347 14.34 10.75 14.40
C ASN A 347 14.63 10.49 15.87
N LEU A 348 14.83 11.55 16.66
CA LEU A 348 15.07 11.38 18.09
C LEU A 348 13.86 10.75 18.78
N LYS A 349 12.65 11.20 18.42
CA LYS A 349 11.45 10.63 19.01
C LYS A 349 11.28 9.16 18.62
N ASP A 350 11.56 8.82 17.36
CA ASP A 350 11.39 7.44 16.91
C ASP A 350 12.43 6.52 17.53
N CYS A 351 13.65 7.03 17.74
CA CYS A 351 14.73 6.19 18.27
C CYS A 351 14.43 5.73 19.68
N GLY A 352 13.89 6.62 20.52
CA GLY A 352 13.52 6.24 21.88
C GLY A 352 14.02 7.20 22.94
N LEU A 353 14.93 8.10 22.57
CA LEU A 353 15.43 9.07 23.54
C LEU A 353 14.32 10.00 24.02
N PHE A 354 13.45 10.45 23.12
CA PHE A 354 12.35 11.32 23.46
C PHE A 354 11.08 10.53 23.72
N GLU B 19 -42.03 39.62 -2.23
CA GLU B 19 -41.62 38.74 -3.31
C GLU B 19 -40.99 37.46 -2.75
N LEU B 20 -40.01 37.63 -1.87
CA LEU B 20 -39.34 36.47 -1.28
C LEU B 20 -40.26 35.73 -0.32
N ASP B 21 -41.12 36.46 0.40
CA ASP B 21 -42.02 35.83 1.35
C ASP B 21 -43.00 34.89 0.65
N GLN B 22 -43.56 35.33 -0.48
CA GLN B 22 -44.49 34.48 -1.22
C GLN B 22 -43.80 33.22 -1.73
N LEU B 23 -42.58 33.36 -2.26
CA LEU B 23 -41.84 32.20 -2.75
C LEU B 23 -41.53 31.24 -1.61
N ARG B 24 -41.12 31.76 -0.45
CA ARG B 24 -40.84 30.89 0.70
C ARG B 24 -42.09 30.18 1.16
N GLN B 25 -43.22 30.88 1.20
CA GLN B 25 -44.48 30.23 1.59
C GLN B 25 -44.85 29.14 0.59
N GLU B 26 -44.67 29.41 -0.70
CA GLU B 26 -45.03 28.44 -1.73
C GLU B 26 -44.15 27.19 -1.63
N ALA B 27 -42.85 27.39 -1.43
CA ALA B 27 -41.92 26.27 -1.27
C ALA B 27 -42.23 25.47 -0.01
N GLU B 28 -42.57 26.16 1.09
CA GLU B 28 -42.93 25.46 2.31
C GLU B 28 -44.22 24.67 2.13
N GLN B 29 -45.17 25.22 1.37
CA GLN B 29 -46.39 24.50 1.06
C GLN B 29 -46.09 23.21 0.32
N LEU B 30 -45.23 23.28 -0.71
CA LEU B 30 -44.84 22.08 -1.43
C LEU B 30 -44.12 21.09 -0.52
N LYS B 31 -43.23 21.58 0.34
CA LYS B 31 -42.47 20.70 1.22
C LYS B 31 -43.40 19.94 2.17
N ASN B 32 -44.30 20.65 2.85
CA ASN B 32 -45.20 19.98 3.77
C ASN B 32 -46.19 19.09 3.03
N GLN B 33 -46.61 19.49 1.82
CA GLN B 33 -47.52 18.65 1.04
C GLN B 33 -46.86 17.32 0.69
N ILE B 34 -45.62 17.35 0.19
CA ILE B 34 -44.96 16.10 -0.17
C ILE B 34 -44.63 15.29 1.09
N ARG B 35 -44.30 15.96 2.19
CA ARG B 35 -44.03 15.25 3.44
C ARG B 35 -45.27 14.51 3.92
N ASP B 36 -46.44 15.15 3.84
CA ASP B 36 -47.68 14.50 4.26
C ASP B 36 -48.11 13.43 3.26
N ALA B 37 -47.81 13.61 1.97
CA ALA B 37 -48.17 12.62 0.97
C ALA B 37 -47.30 11.37 1.04
N ARG B 38 -46.05 11.49 1.45
CA ARG B 38 -45.15 10.34 1.54
C ARG B 38 -45.30 9.59 2.85
N LYS B 39 -46.17 10.04 3.75
CA LYS B 39 -46.46 9.31 4.98
C LYS B 39 -47.87 8.74 4.94
N ASP B 43 -50.63 1.43 9.12
CA ASP B 43 -49.31 1.74 9.66
C ASP B 43 -48.55 0.46 9.98
N ALA B 44 -47.37 0.31 9.39
CA ALA B 44 -46.56 -0.88 9.61
C ALA B 44 -45.09 -0.52 9.43
N THR B 45 -44.23 -1.32 10.02
CA THR B 45 -42.78 -1.13 9.98
C THR B 45 -42.11 -2.44 9.59
N LEU B 46 -41.06 -2.35 8.77
CA LEU B 46 -40.34 -3.55 8.37
C LEU B 46 -39.67 -4.24 9.55
N SER B 47 -39.06 -3.46 10.43
CA SER B 47 -38.38 -4.04 11.59
C SER B 47 -39.35 -4.72 12.55
N GLN B 48 -40.61 -4.27 12.57
CA GLN B 48 -41.62 -4.91 13.40
C GLN B 48 -42.24 -6.11 12.71
N ILE B 49 -42.43 -6.05 11.39
CA ILE B 49 -42.98 -7.18 10.65
C ILE B 49 -42.00 -8.31 10.46
N THR B 50 -40.69 -8.04 10.63
CA THR B 50 -39.69 -9.10 10.56
C THR B 50 -39.55 -9.88 11.85
N ASN B 51 -40.53 -9.78 12.76
CA ASN B 51 -40.49 -10.52 14.01
C ASN B 51 -40.83 -11.99 13.76
N ASN B 52 -40.52 -12.82 14.76
CA ASN B 52 -40.79 -14.26 14.72
C ASN B 52 -40.11 -14.91 13.51
N ILE B 53 -38.86 -14.55 13.27
CA ILE B 53 -38.08 -15.09 12.16
C ILE B 53 -36.72 -15.53 12.68
N ASP B 54 -36.07 -16.40 11.89
CA ASP B 54 -34.77 -16.96 12.27
C ASP B 54 -33.64 -16.08 11.76
N PRO B 55 -32.75 -15.60 12.63
CA PRO B 55 -31.60 -14.82 12.17
C PRO B 55 -30.57 -15.70 11.49
N VAL B 56 -29.60 -15.03 10.85
CA VAL B 56 -28.53 -15.75 10.17
C VAL B 56 -27.62 -16.46 11.17
N GLY B 57 -27.36 -15.84 12.32
CA GLY B 57 -26.46 -16.42 13.30
C GLY B 57 -25.16 -15.66 13.42
N ARG B 58 -24.05 -16.38 13.47
CA ARG B 58 -22.73 -15.78 13.59
C ARG B 58 -21.93 -16.05 12.32
N ILE B 59 -21.34 -15.00 11.77
CA ILE B 59 -20.48 -15.10 10.59
C ILE B 59 -19.06 -14.74 11.01
N GLN B 60 -18.14 -15.68 10.83
CA GLN B 60 -16.76 -15.54 11.27
C GLN B 60 -15.81 -15.98 10.17
N MET B 61 -16.04 -15.49 8.95
CA MET B 61 -15.20 -15.86 7.83
C MET B 61 -13.75 -15.43 8.06
N ARG B 62 -12.82 -16.30 7.66
CA ARG B 62 -11.40 -16.09 7.87
C ARG B 62 -10.76 -15.60 6.58
N THR B 63 -9.67 -14.84 6.73
CA THR B 63 -8.97 -14.33 5.56
C THR B 63 -8.37 -15.47 4.76
N ARG B 64 -8.53 -15.40 3.44
CA ARG B 64 -8.00 -16.43 2.55
C ARG B 64 -6.79 -15.97 1.76
N ARG B 65 -6.72 -14.69 1.36
CA ARG B 65 -5.59 -14.18 0.62
C ARG B 65 -5.13 -12.86 1.21
N THR B 66 -3.81 -12.66 1.25
CA THR B 66 -3.20 -11.41 1.66
C THR B 66 -2.35 -10.88 0.51
N LEU B 67 -2.57 -9.62 0.15
CA LEU B 67 -1.96 -9.02 -1.02
C LEU B 67 -1.03 -7.89 -0.59
N ARG B 68 0.18 -7.89 -1.14
CA ARG B 68 1.19 -6.91 -0.77
C ARG B 68 1.71 -6.18 -2.00
N GLY B 69 2.70 -5.30 -1.81
CA GLY B 69 3.29 -4.58 -2.92
C GLY B 69 3.09 -3.08 -2.85
N HIS B 70 1.89 -2.65 -2.46
CA HIS B 70 1.65 -1.22 -2.26
C HIS B 70 2.44 -0.72 -1.06
N LEU B 71 2.90 0.53 -1.14
CA LEU B 71 3.42 1.25 0.03
C LEU B 71 2.74 2.62 0.05
N ALA B 72 1.49 2.64 0.54
CA ALA B 72 0.68 3.84 0.68
C ALA B 72 -0.68 3.44 1.24
N LYS B 73 -1.59 4.39 1.42
CA LYS B 73 -2.96 4.10 1.81
C LYS B 73 -3.82 3.94 0.55
N ILE B 74 -4.32 2.72 0.32
CA ILE B 74 -5.15 2.46 -0.84
C ILE B 74 -6.53 3.07 -0.63
N TYR B 75 -7.16 3.54 -1.71
CA TYR B 75 -8.38 4.31 -1.59
C TYR B 75 -9.59 3.75 -2.33
N ALA B 76 -9.40 2.98 -3.40
CA ALA B 76 -10.55 2.48 -4.14
C ALA B 76 -10.17 1.19 -4.86
N MET B 77 -11.19 0.44 -5.24
CA MET B 77 -10.99 -0.81 -5.98
C MET B 77 -12.30 -1.17 -6.67
N HIS B 78 -12.23 -2.23 -7.49
CA HIS B 78 -13.40 -2.75 -8.18
C HIS B 78 -13.14 -4.19 -8.60
N TRP B 79 -14.09 -5.07 -8.31
CA TRP B 79 -13.99 -6.45 -8.76
C TRP B 79 -14.26 -6.55 -10.26
N GLY B 80 -13.54 -7.46 -10.91
CA GLY B 80 -13.74 -7.69 -12.32
C GLY B 80 -15.04 -8.45 -12.58
N THR B 81 -15.42 -8.46 -13.86
CA THR B 81 -16.66 -9.14 -14.26
C THR B 81 -16.55 -10.65 -14.21
N ASP B 82 -15.33 -11.19 -14.18
CA ASP B 82 -15.11 -12.63 -14.10
C ASP B 82 -14.88 -13.11 -12.68
N SER B 83 -14.96 -12.23 -11.69
CA SER B 83 -14.77 -12.57 -10.28
C SER B 83 -13.38 -13.15 -10.02
N ARG B 84 -12.40 -12.80 -10.86
CA ARG B 84 -11.03 -13.26 -10.71
C ARG B 84 -9.98 -12.18 -10.83
N LEU B 85 -10.29 -11.04 -11.44
CA LEU B 85 -9.34 -9.95 -11.61
C LEU B 85 -9.76 -8.76 -10.75
N LEU B 86 -8.77 -8.06 -10.22
CA LEU B 86 -9.00 -6.92 -9.34
C LEU B 86 -8.24 -5.72 -9.86
N VAL B 87 -8.73 -4.53 -9.50
CA VAL B 87 -8.06 -3.27 -9.79
C VAL B 87 -7.91 -2.51 -8.48
N SER B 88 -6.71 -1.98 -8.24
CA SER B 88 -6.43 -1.29 -6.98
C SER B 88 -5.67 0.00 -7.24
N ALA B 89 -6.06 1.06 -6.55
CA ALA B 89 -5.40 2.35 -6.61
C ALA B 89 -5.12 2.87 -5.21
N SER B 90 -3.93 3.42 -5.03
CA SER B 90 -3.48 3.89 -3.73
C SER B 90 -2.94 5.32 -3.86
N GLN B 91 -2.53 5.89 -2.73
CA GLN B 91 -2.06 7.27 -2.71
C GLN B 91 -0.73 7.46 -3.42
N ASP B 92 -0.02 6.39 -3.74
CA ASP B 92 1.13 6.49 -4.62
C ASP B 92 0.68 6.36 -6.08
N GLY B 93 1.53 6.82 -6.99
CA GLY B 93 1.19 6.79 -8.40
C GLY B 93 1.26 5.40 -8.99
N LYS B 94 0.46 4.47 -8.47
CA LYS B 94 0.49 3.09 -8.92
C LYS B 94 -0.93 2.54 -8.97
N LEU B 95 -1.26 1.88 -10.08
CA LEU B 95 -2.53 1.19 -10.26
C LEU B 95 -2.23 -0.25 -10.61
N ILE B 96 -2.75 -1.19 -9.82
CA ILE B 96 -2.34 -2.58 -9.89
C ILE B 96 -3.52 -3.44 -10.33
N ILE B 97 -3.29 -4.28 -11.34
CA ILE B 97 -4.22 -5.34 -11.72
C ILE B 97 -3.79 -6.62 -11.01
N TRP B 98 -4.74 -7.28 -10.36
CA TRP B 98 -4.46 -8.37 -9.45
C TRP B 98 -4.90 -9.71 -10.05
N ASP B 99 -4.75 -10.77 -9.26
CA ASP B 99 -5.26 -12.09 -9.60
C ASP B 99 -5.66 -12.76 -8.29
N SER B 100 -6.95 -12.78 -8.00
CA SER B 100 -7.43 -13.23 -6.70
C SER B 100 -7.21 -14.74 -6.49
N TYR B 101 -7.19 -15.53 -7.56
CA TYR B 101 -7.03 -16.97 -7.41
C TYR B 101 -5.61 -17.30 -6.95
N THR B 102 -4.62 -16.96 -7.76
CA THR B 102 -3.21 -17.07 -7.41
C THR B 102 -2.62 -15.67 -7.39
N THR B 103 -1.98 -15.31 -6.28
CA THR B 103 -1.56 -13.93 -6.08
C THR B 103 -0.44 -13.55 -7.03
N ASN B 104 -0.80 -12.98 -8.17
CA ASN B 104 0.16 -12.55 -9.18
C ASN B 104 -0.19 -11.15 -9.65
N LYS B 105 0.82 -10.30 -9.77
CA LYS B 105 0.63 -8.93 -10.27
C LYS B 105 0.55 -9.00 -11.80
N VAL B 106 -0.67 -8.91 -12.33
CA VAL B 106 -0.85 -9.00 -13.77
C VAL B 106 -0.20 -7.81 -14.47
N HIS B 107 -0.41 -6.60 -13.96
CA HIS B 107 0.17 -5.42 -14.59
C HIS B 107 0.15 -4.28 -13.59
N ALA B 108 1.12 -3.37 -13.75
CA ALA B 108 1.22 -2.15 -12.95
C ALA B 108 1.24 -0.95 -13.88
N ILE B 109 0.49 0.09 -13.50
CA ILE B 109 0.31 1.27 -14.33
C ILE B 109 0.73 2.51 -13.55
N PRO B 110 1.58 3.37 -14.09
CA PRO B 110 1.94 4.62 -13.40
C PRO B 110 0.95 5.73 -13.69
N LEU B 111 0.52 6.41 -12.64
CA LEU B 111 -0.44 7.50 -12.75
C LEU B 111 0.28 8.84 -12.74
N ARG B 112 -0.21 9.78 -13.55
CA ARG B 112 0.38 11.11 -13.59
C ARG B 112 0.10 11.88 -12.30
N SER B 113 -1.06 11.66 -11.70
CA SER B 113 -1.45 12.31 -10.46
C SER B 113 -1.48 11.28 -9.35
N SER B 114 -0.74 11.54 -8.26
CA SER B 114 -0.68 10.61 -7.14
C SER B 114 -1.93 10.64 -6.29
N TRP B 115 -2.73 11.69 -6.36
CA TRP B 115 -3.93 11.83 -5.54
C TRP B 115 -5.11 11.27 -6.32
N VAL B 116 -5.50 10.04 -6.01
CA VAL B 116 -6.59 9.34 -6.69
C VAL B 116 -7.54 8.78 -5.65
N MET B 117 -8.84 8.84 -5.94
CA MET B 117 -9.86 8.34 -5.03
C MET B 117 -10.85 7.39 -5.68
N THR B 118 -10.68 7.07 -6.97
CA THR B 118 -11.69 6.33 -7.72
C THR B 118 -11.06 5.15 -8.45
N CYS B 119 -11.89 4.14 -8.72
CA CYS B 119 -11.51 3.00 -9.52
C CYS B 119 -12.71 2.53 -10.33
N ALA B 120 -12.43 1.84 -11.43
CA ALA B 120 -13.49 1.31 -12.27
C ALA B 120 -12.92 0.22 -13.16
N TYR B 121 -13.66 -0.87 -13.28
CA TYR B 121 -13.31 -1.99 -14.16
C TYR B 121 -14.43 -2.15 -15.18
N ALA B 122 -14.08 -2.01 -16.46
CA ALA B 122 -15.09 -2.07 -17.50
C ALA B 122 -15.70 -3.48 -17.57
N PRO B 123 -17.00 -3.60 -17.84
CA PRO B 123 -17.60 -4.93 -17.96
C PRO B 123 -16.98 -5.78 -19.05
N SER B 124 -16.55 -5.16 -20.16
CA SER B 124 -15.86 -5.89 -21.20
C SER B 124 -14.45 -6.31 -20.80
N GLY B 125 -13.89 -5.68 -19.77
CA GLY B 125 -12.53 -5.98 -19.34
C GLY B 125 -11.45 -5.31 -20.15
N ASN B 126 -11.81 -4.45 -21.10
CA ASN B 126 -10.83 -3.81 -21.96
C ASN B 126 -10.25 -2.53 -21.34
N TYR B 127 -11.01 -1.83 -20.52
CA TYR B 127 -10.62 -0.51 -20.04
C TYR B 127 -10.74 -0.42 -18.53
N VAL B 128 -9.98 0.51 -17.96
CA VAL B 128 -10.09 0.89 -16.56
C VAL B 128 -10.11 2.42 -16.50
N ALA B 129 -10.59 2.95 -15.37
CA ALA B 129 -10.70 4.39 -15.20
C ALA B 129 -10.14 4.79 -13.84
N CYS B 130 -9.59 6.00 -13.77
CA CYS B 130 -9.08 6.51 -12.50
C CYS B 130 -9.20 8.03 -12.47
N GLY B 131 -9.47 8.56 -11.28
CA GLY B 131 -9.57 9.99 -11.09
C GLY B 131 -9.43 10.36 -9.63
N GLY B 132 -9.01 11.59 -9.40
CA GLY B 132 -8.77 12.08 -8.04
C GLY B 132 -8.88 13.58 -7.95
N LEU B 133 -7.94 14.20 -7.23
CA LEU B 133 -7.93 15.63 -7.00
C LEU B 133 -7.54 16.43 -8.24
N ASP B 134 -7.22 15.79 -9.35
CA ASP B 134 -6.76 16.48 -10.55
C ASP B 134 -7.90 17.00 -11.42
N ASN B 135 -9.15 16.79 -11.01
CA ASN B 135 -10.35 17.27 -11.70
C ASN B 135 -10.56 16.65 -13.07
N ILE B 136 -9.78 15.62 -13.42
CA ILE B 136 -9.93 14.92 -14.69
C ILE B 136 -9.98 13.42 -14.41
N CYS B 137 -10.53 12.67 -15.35
CA CYS B 137 -10.58 11.21 -15.25
C CYS B 137 -9.90 10.60 -16.47
N SER B 138 -9.01 9.64 -16.21
CA SER B 138 -8.20 9.02 -17.25
C SER B 138 -8.66 7.59 -17.48
N ILE B 139 -8.74 7.21 -18.75
CA ILE B 139 -9.13 5.87 -19.17
C ILE B 139 -7.90 5.17 -19.73
N TYR B 140 -7.62 3.97 -19.23
CA TYR B 140 -6.51 3.15 -19.67
C TYR B 140 -7.03 1.92 -20.39
N ASN B 141 -6.35 1.54 -21.47
CA ASN B 141 -6.73 0.38 -22.27
C ASN B 141 -5.81 -0.79 -21.92
N LEU B 142 -6.42 -1.92 -21.57
CA LEU B 142 -5.67 -3.08 -21.10
C LEU B 142 -5.23 -3.98 -22.25
N LYS B 143 -6.18 -4.47 -23.04
CA LYS B 143 -5.90 -5.40 -24.13
C LYS B 143 -5.55 -4.60 -25.38
N THR B 144 -4.24 -4.38 -25.57
CA THR B 144 -3.73 -3.66 -26.73
C THR B 144 -2.57 -4.43 -27.31
N ARG B 145 -2.28 -4.14 -28.58
CA ARG B 145 -1.09 -4.70 -29.21
C ARG B 145 0.17 -4.10 -28.60
N GLU B 146 1.31 -4.75 -28.86
CA GLU B 146 2.63 -4.38 -28.35
C GLU B 146 2.74 -4.58 -26.85
N GLY B 147 1.74 -5.17 -26.20
CA GLY B 147 1.83 -5.51 -24.80
C GLY B 147 2.05 -4.34 -23.86
N ASN B 148 1.30 -3.26 -24.07
CA ASN B 148 1.42 -2.07 -23.24
C ASN B 148 0.04 -1.57 -22.87
N VAL B 149 -0.02 -0.85 -21.75
CA VAL B 149 -1.23 -0.18 -21.30
C VAL B 149 -1.02 1.32 -21.47
N ARG B 150 -1.89 1.96 -22.22
CA ARG B 150 -1.76 3.37 -22.55
C ARG B 150 -3.09 4.08 -22.34
N VAL B 151 -3.01 5.39 -22.13
CA VAL B 151 -4.21 6.19 -21.92
C VAL B 151 -5.01 6.25 -23.21
N SER B 152 -6.32 6.05 -23.09
CA SER B 152 -7.24 6.17 -24.22
C SER B 152 -7.92 7.52 -24.29
N ARG B 153 -8.39 8.03 -23.15
CA ARG B 153 -9.02 9.34 -23.10
C ARG B 153 -8.71 9.99 -21.75
N GLU B 154 -8.73 11.31 -21.73
CA GLU B 154 -8.52 12.11 -20.52
C GLU B 154 -9.66 13.11 -20.45
N LEU B 155 -10.77 12.72 -19.84
CA LEU B 155 -11.96 13.56 -19.79
C LEU B 155 -11.81 14.64 -18.73
N ALA B 156 -12.08 15.88 -19.13
CA ALA B 156 -12.00 17.04 -18.25
C ALA B 156 -13.24 17.90 -18.43
N GLY B 157 -13.50 18.75 -17.45
CA GLY B 157 -14.67 19.60 -17.48
C GLY B 157 -15.31 19.79 -16.12
N HIS B 158 -14.76 19.13 -15.11
CA HIS B 158 -15.23 19.26 -13.74
C HIS B 158 -14.32 20.20 -12.97
N THR B 159 -14.92 21.05 -12.15
CA THR B 159 -14.19 22.00 -11.30
C THR B 159 -14.30 21.51 -9.86
N GLY B 160 -13.37 20.64 -9.47
CA GLY B 160 -13.41 20.05 -8.15
C GLY B 160 -12.63 18.75 -8.13
N TYR B 161 -12.95 17.92 -7.16
CA TYR B 161 -12.33 16.60 -7.01
C TYR B 161 -13.36 15.52 -7.32
N LEU B 162 -12.97 14.56 -8.15
CA LEU B 162 -13.88 13.48 -8.52
C LEU B 162 -14.06 12.52 -7.35
N SER B 163 -15.30 12.16 -7.06
CA SER B 163 -15.62 11.24 -5.98
C SER B 163 -15.81 9.81 -6.46
N CYS B 164 -16.45 9.60 -7.60
CA CYS B 164 -16.67 8.24 -8.07
C CYS B 164 -16.83 8.23 -9.58
N CYS B 165 -16.51 7.08 -10.19
CA CYS B 165 -16.66 6.86 -11.63
C CYS B 165 -17.18 5.45 -11.85
N ARG B 166 -18.15 5.32 -12.75
CA ARG B 166 -18.74 4.02 -13.07
C ARG B 166 -18.86 3.88 -14.58
N PHE B 167 -18.45 2.73 -15.11
CA PHE B 167 -18.60 2.45 -16.54
C PHE B 167 -20.03 2.05 -16.83
N LEU B 168 -20.81 2.95 -17.44
CA LEU B 168 -22.16 2.60 -17.86
C LEU B 168 -22.13 1.53 -18.96
N ASP B 169 -21.24 1.69 -19.92
CA ASP B 169 -21.07 0.74 -21.01
C ASP B 169 -19.62 0.80 -21.46
N ASP B 170 -19.32 0.23 -22.63
CA ASP B 170 -17.98 0.33 -23.19
C ASP B 170 -17.65 1.73 -23.68
N ASN B 171 -18.66 2.55 -23.95
CA ASN B 171 -18.45 3.88 -24.50
C ASN B 171 -19.03 4.99 -23.62
N GLN B 172 -19.71 4.65 -22.53
CA GLN B 172 -20.33 5.65 -21.67
C GLN B 172 -19.86 5.47 -20.23
N ILE B 173 -19.60 6.59 -19.56
CA ILE B 173 -19.13 6.60 -18.18
C ILE B 173 -19.85 7.71 -17.43
N VAL B 174 -20.09 7.48 -16.14
CA VAL B 174 -20.73 8.46 -15.26
C VAL B 174 -19.77 8.82 -14.15
N THR B 175 -19.62 10.12 -13.90
CA THR B 175 -18.68 10.63 -12.90
C THR B 175 -19.38 11.57 -11.94
N SER B 176 -19.06 11.43 -10.66
CA SER B 176 -19.55 12.32 -9.62
C SER B 176 -18.34 12.96 -8.92
N SER B 177 -18.36 14.28 -8.83
CA SER B 177 -17.27 15.06 -8.27
C SER B 177 -17.80 15.95 -7.15
N GLY B 178 -16.90 16.76 -6.60
CA GLY B 178 -17.22 17.66 -5.50
C GLY B 178 -17.83 18.98 -5.91
N ASP B 179 -18.03 19.22 -7.21
CA ASP B 179 -18.65 20.45 -7.69
C ASP B 179 -20.17 20.42 -7.61
N THR B 180 -20.75 19.49 -6.84
CA THR B 180 -22.18 19.34 -6.60
C THR B 180 -22.96 18.96 -7.85
N THR B 181 -22.31 18.46 -8.89
CA THR B 181 -22.98 18.01 -10.10
C THR B 181 -22.42 16.67 -10.53
N CYS B 182 -23.17 15.99 -11.40
CA CYS B 182 -22.76 14.73 -11.97
C CYS B 182 -22.70 14.85 -13.49
N ALA B 183 -21.88 14.01 -14.12
CA ALA B 183 -21.68 14.10 -15.56
C ALA B 183 -21.76 12.72 -16.20
N LEU B 184 -22.37 12.68 -17.39
CA LEU B 184 -22.37 11.51 -18.25
C LEU B 184 -21.61 11.88 -19.51
N TRP B 185 -20.55 11.12 -19.81
CA TRP B 185 -19.59 11.45 -20.85
C TRP B 185 -19.75 10.52 -22.05
N ASP B 186 -18.86 10.69 -23.02
CA ASP B 186 -18.77 9.80 -24.18
C ASP B 186 -17.30 9.59 -24.47
N ILE B 187 -16.86 8.32 -24.47
CA ILE B 187 -15.44 8.04 -24.66
C ILE B 187 -15.00 8.40 -26.08
N GLU B 188 -15.86 8.19 -27.07
CA GLU B 188 -15.50 8.49 -28.45
C GLU B 188 -15.21 9.97 -28.64
N THR B 189 -16.07 10.83 -28.09
CA THR B 189 -15.90 12.28 -28.16
C THR B 189 -15.93 12.83 -26.75
N GLY B 190 -14.80 13.33 -26.28
CA GLY B 190 -14.63 13.73 -24.89
C GLY B 190 -15.57 14.80 -24.38
N GLN B 191 -16.41 15.36 -25.26
CA GLN B 191 -17.40 16.33 -24.84
C GLN B 191 -18.42 15.69 -23.92
N GLN B 192 -18.88 16.46 -22.93
CA GLN B 192 -19.89 15.95 -22.00
C GLN B 192 -21.20 15.70 -22.74
N THR B 193 -21.85 14.58 -22.39
CA THR B 193 -23.13 14.25 -23.00
C THR B 193 -24.30 14.76 -22.17
N THR B 194 -24.25 14.58 -20.85
CA THR B 194 -25.34 15.04 -19.99
C THR B 194 -24.76 15.58 -18.69
N THR B 195 -25.40 16.61 -18.14
CA THR B 195 -25.02 17.20 -16.88
C THR B 195 -26.21 17.18 -15.93
N PHE B 196 -25.99 16.71 -14.71
CA PHE B 196 -27.02 16.60 -13.68
C PHE B 196 -26.69 17.58 -12.58
N THR B 197 -27.62 18.49 -12.29
CA THR B 197 -27.44 19.55 -11.31
C THR B 197 -28.51 19.45 -10.24
N GLY B 198 -28.10 19.63 -8.99
CA GLY B 198 -29.02 19.57 -7.86
C GLY B 198 -28.41 20.02 -6.55
N THR B 200 -26.07 23.52 -1.50
CA THR B 200 -25.96 22.10 -1.75
C THR B 200 -24.78 21.50 -1.00
N GLY B 201 -24.27 20.38 -1.50
CA GLY B 201 -23.15 19.71 -0.86
C GLY B 201 -22.40 18.85 -1.85
N ASP B 202 -21.16 18.52 -1.48
CA ASP B 202 -20.30 17.74 -2.35
C ASP B 202 -20.84 16.33 -2.51
N VAL B 203 -20.90 15.85 -3.75
CA VAL B 203 -21.30 14.47 -4.01
C VAL B 203 -20.12 13.56 -3.69
N MET B 204 -20.37 12.55 -2.85
CA MET B 204 -19.28 11.72 -2.33
C MET B 204 -19.32 10.28 -2.80
N SER B 205 -20.47 9.78 -3.27
CA SER B 205 -20.56 8.38 -3.67
C SER B 205 -21.51 8.26 -4.83
N LEU B 206 -21.37 7.15 -5.56
CA LEU B 206 -22.17 6.89 -6.75
C LEU B 206 -22.41 5.39 -6.86
N SER B 207 -23.64 5.02 -7.19
CA SER B 207 -23.99 3.62 -7.44
C SER B 207 -24.76 3.54 -8.75
N LEU B 208 -24.41 2.56 -9.57
CA LEU B 208 -25.02 2.38 -10.88
C LEU B 208 -26.07 1.29 -10.83
N ALA B 209 -27.16 1.47 -11.58
CA ALA B 209 -28.24 0.51 -11.56
C ALA B 209 -27.80 -0.83 -12.13
N PRO B 210 -28.35 -1.94 -11.65
CA PRO B 210 -27.98 -3.25 -12.20
C PRO B 210 -28.24 -3.38 -13.69
N ASP B 211 -29.32 -2.76 -14.18
CA ASP B 211 -29.63 -2.75 -15.60
C ASP B 211 -29.03 -1.56 -16.33
N THR B 212 -28.24 -0.74 -15.65
CA THR B 212 -27.62 0.46 -16.23
C THR B 212 -28.67 1.37 -16.86
N ARG B 213 -29.81 1.47 -16.20
CA ARG B 213 -30.91 2.34 -16.65
C ARG B 213 -31.15 3.52 -15.72
N LEU B 214 -30.81 3.39 -14.44
CA LEU B 214 -31.01 4.46 -13.46
C LEU B 214 -29.66 4.91 -12.92
N PHE B 215 -29.71 5.79 -11.92
CA PHE B 215 -28.52 6.51 -11.45
C PHE B 215 -28.81 7.16 -10.11
N VAL B 216 -27.94 6.97 -9.12
CA VAL B 216 -28.14 7.55 -7.79
C VAL B 216 -26.83 8.17 -7.33
N SER B 217 -26.95 9.23 -6.53
CA SER B 217 -25.76 9.91 -6.01
C SER B 217 -26.09 10.54 -4.67
N GLY B 218 -25.21 10.33 -3.68
CA GLY B 218 -25.36 10.92 -2.36
C GLY B 218 -24.38 12.07 -2.18
N ALA B 219 -24.87 13.16 -1.60
CA ALA B 219 -24.11 14.40 -1.47
C ALA B 219 -23.81 14.67 0.00
N CYS B 220 -23.08 15.76 0.25
CA CYS B 220 -22.68 16.16 1.59
C CYS B 220 -23.77 16.94 2.32
N ASP B 221 -24.89 17.23 1.67
CA ASP B 221 -26.01 17.93 2.31
C ASP B 221 -26.96 16.97 3.02
N ALA B 222 -26.47 15.79 3.42
CA ALA B 222 -27.28 14.77 4.07
C ALA B 222 -28.48 14.37 3.21
N SER B 223 -28.23 14.18 1.91
CA SER B 223 -29.29 13.84 0.98
C SER B 223 -28.74 12.98 -0.14
N ALA B 224 -29.67 12.32 -0.84
CA ALA B 224 -29.36 11.51 -2.01
C ALA B 224 -30.37 11.82 -3.10
N LYS B 225 -29.95 11.64 -4.34
CA LYS B 225 -30.80 11.95 -5.48
C LYS B 225 -30.73 10.85 -6.52
N LEU B 226 -31.89 10.47 -7.04
CA LEU B 226 -32.01 9.49 -8.11
C LEU B 226 -32.40 10.23 -9.38
N TRP B 227 -31.58 10.08 -10.42
CA TRP B 227 -31.72 10.75 -11.70
C TRP B 227 -32.20 9.76 -12.75
N ASP B 228 -32.41 10.26 -13.96
CA ASP B 228 -32.77 9.45 -15.13
C ASP B 228 -31.66 9.61 -16.16
N VAL B 229 -30.97 8.50 -16.45
CA VAL B 229 -29.83 8.56 -17.35
C VAL B 229 -30.25 9.00 -18.75
N ARG B 230 -31.35 8.43 -19.26
CA ARG B 230 -31.81 8.79 -20.59
C ARG B 230 -32.34 10.23 -20.63
N GLU B 231 -33.03 10.66 -19.57
CA GLU B 231 -33.69 11.96 -19.59
C GLU B 231 -32.71 13.10 -19.33
N GLY B 232 -32.10 13.12 -18.13
CA GLY B 232 -31.16 14.16 -17.81
C GLY B 232 -31.59 15.06 -16.67
N MET B 233 -32.67 14.70 -15.97
CA MET B 233 -33.17 15.49 -14.84
C MET B 233 -33.42 14.57 -13.66
N CYS B 234 -33.42 15.17 -12.47
CA CYS B 234 -33.60 14.41 -11.24
C CYS B 234 -35.01 13.82 -11.18
N ARG B 235 -35.10 12.56 -10.77
CA ARG B 235 -36.37 11.87 -10.63
C ARG B 235 -36.89 11.88 -9.21
N GLN B 236 -36.03 11.58 -8.23
CA GLN B 236 -36.46 11.50 -6.85
C GLN B 236 -35.36 12.02 -5.93
N THR B 237 -35.75 12.42 -4.72
CA THR B 237 -34.81 12.87 -3.71
C THR B 237 -35.12 12.18 -2.39
N PHE B 238 -34.09 12.02 -1.57
CA PHE B 238 -34.19 11.36 -0.28
C PHE B 238 -33.40 12.15 0.74
N THR B 239 -34.00 12.37 1.91
CA THR B 239 -33.35 13.08 3.01
C THR B 239 -33.44 12.25 4.28
N GLY B 240 -32.40 12.31 5.08
CA GLY B 240 -32.34 11.54 6.32
C GLY B 240 -33.24 12.09 7.40
N GLU B 242 -27.80 14.13 11.83
CA GLU B 242 -27.41 13.85 10.45
C GLU B 242 -26.13 14.57 10.08
N SER B 243 -25.48 14.09 9.02
CA SER B 243 -24.24 14.66 8.53
C SER B 243 -24.09 14.28 7.07
N ASP B 244 -22.90 14.51 6.51
CA ASP B 244 -22.67 14.22 5.11
C ASP B 244 -22.68 12.72 4.84
N ILE B 245 -23.08 12.37 3.62
CA ILE B 245 -23.15 10.97 3.18
C ILE B 245 -21.96 10.70 2.28
N ASN B 246 -21.25 9.60 2.55
CA ASN B 246 -20.04 9.29 1.79
C ASN B 246 -19.98 7.83 1.35
N ALA B 247 -21.12 7.16 1.24
CA ALA B 247 -21.17 5.78 0.77
C ALA B 247 -22.59 5.45 0.35
N ILE B 248 -22.74 4.80 -0.81
CA ILE B 248 -24.05 4.43 -1.32
C ILE B 248 -23.87 3.24 -2.26
N CYS B 249 -24.87 2.37 -2.30
CA CYS B 249 -24.80 1.22 -3.19
C CYS B 249 -26.20 0.68 -3.45
N PHE B 250 -26.44 0.24 -4.69
CA PHE B 250 -27.72 -0.34 -5.05
C PHE B 250 -27.92 -1.73 -4.46
N PHE B 251 -29.17 -2.05 -4.16
CA PHE B 251 -29.57 -3.41 -3.87
C PHE B 251 -29.52 -4.24 -5.15
N PRO B 252 -29.26 -5.56 -5.05
CA PRO B 252 -29.27 -6.40 -6.26
C PRO B 252 -30.58 -6.34 -7.02
N ASN B 253 -31.71 -6.16 -6.34
CA ASN B 253 -32.99 -6.05 -7.03
C ASN B 253 -33.02 -4.81 -7.92
N GLY B 254 -32.49 -3.69 -7.43
CA GLY B 254 -32.55 -2.44 -8.14
C GLY B 254 -33.67 -1.52 -7.73
N ASN B 255 -34.48 -1.90 -6.74
CA ASN B 255 -35.57 -1.07 -6.25
C ASN B 255 -35.28 -0.49 -4.86
N ALA B 256 -34.02 -0.55 -4.43
CA ALA B 256 -33.63 -0.02 -3.13
C ALA B 256 -32.13 0.23 -3.14
N PHE B 257 -31.67 0.98 -2.15
CA PHE B 257 -30.25 1.23 -2.01
C PHE B 257 -29.92 1.44 -0.53
N ALA B 258 -28.62 1.40 -0.22
CA ALA B 258 -28.12 1.58 1.13
C ALA B 258 -27.11 2.71 1.16
N THR B 259 -27.21 3.55 2.18
CA THR B 259 -26.34 4.70 2.37
C THR B 259 -25.67 4.64 3.74
N GLY B 260 -24.44 5.13 3.80
CA GLY B 260 -23.72 5.21 5.05
C GLY B 260 -23.18 6.60 5.31
N SER B 261 -23.63 7.22 6.40
CA SER B 261 -23.30 8.61 6.71
C SER B 261 -22.17 8.66 7.74
N ASP B 262 -21.74 9.87 8.05
CA ASP B 262 -20.68 10.11 9.03
C ASP B 262 -21.18 10.18 10.45
N ASP B 263 -22.50 10.11 10.67
CA ASP B 263 -23.08 10.15 12.01
C ASP B 263 -23.17 8.77 12.65
N ALA B 264 -22.32 7.83 12.21
CA ALA B 264 -22.30 6.47 12.74
C ALA B 264 -23.63 5.75 12.54
N THR B 265 -24.33 6.09 11.46
CA THR B 265 -25.62 5.50 11.16
C THR B 265 -25.67 5.08 9.69
N CYS B 266 -26.14 3.86 9.45
CA CYS B 266 -26.38 3.34 8.11
C CYS B 266 -27.88 3.20 7.89
N ARG B 267 -28.34 3.51 6.68
CA ARG B 267 -29.77 3.52 6.40
C ARG B 267 -30.02 2.86 5.05
N LEU B 268 -31.26 2.40 4.86
CA LEU B 268 -31.69 1.77 3.63
C LEU B 268 -32.93 2.50 3.12
N PHE B 269 -32.93 2.86 1.85
CA PHE B 269 -34.04 3.58 1.23
C PHE B 269 -34.61 2.78 0.07
N ASP B 270 -35.88 3.00 -0.21
CA ASP B 270 -36.59 2.30 -1.29
C ASP B 270 -37.09 3.31 -2.31
N LEU B 271 -36.85 3.03 -3.59
CA LEU B 271 -37.27 3.92 -4.66
C LEU B 271 -38.79 4.04 -4.73
N ARG B 272 -39.50 2.93 -4.60
CA ARG B 272 -40.94 2.93 -4.70
C ARG B 272 -41.63 3.42 -3.42
N ALA B 273 -40.88 3.64 -2.34
CA ALA B 273 -41.44 4.08 -1.08
C ALA B 273 -41.09 5.50 -0.70
N ASP B 274 -39.92 6.02 -1.12
CA ASP B 274 -39.49 7.37 -0.77
C ASP B 274 -39.47 7.57 0.74
N GLN B 275 -39.10 6.52 1.47
CA GLN B 275 -39.09 6.55 2.93
C GLN B 275 -37.85 5.84 3.43
N GLU B 276 -37.70 5.80 4.75
CA GLU B 276 -36.60 5.10 5.41
C GLU B 276 -37.15 3.93 6.21
N LEU B 277 -36.47 2.79 6.11
CA LEU B 277 -36.95 1.56 6.75
C LEU B 277 -36.38 1.40 8.16
N MET B 278 -35.06 1.27 8.26
CA MET B 278 -34.44 1.01 9.56
C MET B 278 -33.02 1.59 9.56
N THR B 279 -32.46 1.70 10.76
CA THR B 279 -31.14 2.26 10.96
C THR B 279 -30.20 1.19 11.51
N TYR B 280 -29.05 1.05 10.89
CA TYR B 280 -28.01 0.12 11.35
C TYR B 280 -27.04 0.91 12.22
N SER B 281 -27.38 1.03 13.49
CA SER B 281 -26.58 1.79 14.45
C SER B 281 -26.45 1.01 15.74
N HIS B 282 -25.39 1.32 16.48
CA HIS B 282 -25.13 0.69 17.76
C HIS B 282 -24.58 1.73 18.72
N ASP B 283 -24.98 1.64 20.00
CA ASP B 283 -24.53 2.61 20.99
C ASP B 283 -23.04 2.51 21.26
N ASN B 284 -22.41 1.37 21.00
CA ASN B 284 -20.99 1.19 21.25
C ASN B 284 -20.11 1.80 20.18
N ILE B 285 -20.69 2.23 19.05
CA ILE B 285 -19.92 2.82 17.95
C ILE B 285 -20.42 4.24 17.73
N ILE B 286 -19.49 5.18 17.69
CA ILE B 286 -19.79 6.58 17.39
C ILE B 286 -18.91 6.97 16.21
N CYS B 287 -18.62 5.99 15.36
CA CYS B 287 -17.69 6.14 14.25
C CYS B 287 -18.45 6.04 12.93
N GLY B 288 -18.08 6.91 11.98
CA GLY B 288 -18.77 6.96 10.71
C GLY B 288 -18.49 5.75 9.84
N ILE B 289 -19.20 5.68 8.72
CA ILE B 289 -19.10 4.58 7.77
C ILE B 289 -18.31 5.06 6.56
N THR B 290 -17.29 4.29 6.18
CA THR B 290 -16.44 4.66 5.06
C THR B 290 -16.90 4.02 3.74
N SER B 291 -17.32 2.76 3.78
CA SER B 291 -17.73 2.06 2.57
C SER B 291 -18.94 1.17 2.86
N VAL B 292 -19.75 0.95 1.83
CA VAL B 292 -20.96 0.13 1.95
C VAL B 292 -21.05 -0.77 0.72
N SER B 293 -21.40 -2.03 0.93
CA SER B 293 -21.59 -2.97 -0.17
C SER B 293 -22.56 -4.06 0.24
N PHE B 294 -23.13 -4.73 -0.75
CA PHE B 294 -24.03 -5.85 -0.54
C PHE B 294 -23.38 -7.15 -1.02
N SER B 295 -24.14 -8.24 -0.91
CA SER B 295 -23.78 -9.54 -1.42
C SER B 295 -24.92 -10.04 -2.30
N LYS B 296 -24.75 -11.24 -2.85
CA LYS B 296 -25.80 -11.85 -3.65
C LYS B 296 -27.04 -12.11 -2.79
N SER B 297 -28.20 -11.91 -3.38
CA SER B 297 -29.53 -12.01 -2.76
C SER B 297 -29.79 -10.90 -1.76
N GLY B 298 -28.84 -10.01 -1.50
CA GLY B 298 -29.06 -8.90 -0.59
C GLY B 298 -29.41 -9.29 0.82
N ARG B 299 -28.69 -10.28 1.37
CA ARG B 299 -28.93 -10.71 2.74
C ARG B 299 -27.87 -10.21 3.72
N LEU B 300 -26.63 -10.04 3.26
CA LEU B 300 -25.55 -9.53 4.09
C LEU B 300 -25.12 -8.17 3.56
N LEU B 301 -25.13 -7.16 4.42
CA LEU B 301 -24.72 -5.81 4.10
C LEU B 301 -23.39 -5.56 4.80
N LEU B 302 -22.32 -5.46 4.03
CA LEU B 302 -20.98 -5.28 4.59
C LEU B 302 -20.65 -3.79 4.60
N ALA B 303 -20.40 -3.24 5.78
CA ALA B 303 -20.08 -1.83 5.95
C ALA B 303 -18.67 -1.72 6.51
N GLY B 304 -17.77 -1.14 5.70
CA GLY B 304 -16.43 -0.86 6.16
C GLY B 304 -16.40 0.44 6.93
N TYR B 305 -16.27 0.35 8.25
CA TYR B 305 -16.23 1.49 9.14
C TYR B 305 -14.82 2.06 9.22
N ASP B 306 -14.69 3.18 9.93
CA ASP B 306 -13.39 3.79 10.17
C ASP B 306 -12.80 3.39 11.51
N ASP B 307 -13.46 2.49 12.24
CA ASP B 307 -12.94 1.99 13.52
C ASP B 307 -12.10 0.75 13.32
N PHE B 308 -11.15 0.82 12.38
CA PHE B 308 -10.12 -0.18 12.14
C PHE B 308 -10.66 -1.54 11.73
N ASN B 309 -11.97 -1.65 11.46
CA ASN B 309 -12.54 -2.94 11.10
C ASN B 309 -13.84 -2.74 10.35
N CYS B 310 -14.29 -3.80 9.68
CA CYS B 310 -15.55 -3.82 8.98
C CYS B 310 -16.62 -4.51 9.82
N ASN B 311 -17.87 -4.37 9.40
CA ASN B 311 -19.00 -4.99 10.06
C ASN B 311 -19.89 -5.66 9.01
N VAL B 312 -20.59 -6.70 9.42
CA VAL B 312 -21.47 -7.46 8.54
C VAL B 312 -22.86 -7.43 9.15
N TRP B 313 -23.68 -6.48 8.71
CA TRP B 313 -25.05 -6.38 9.20
C TRP B 313 -25.97 -7.27 8.38
N ASP B 314 -27.12 -7.61 8.97
CA ASP B 314 -28.20 -8.26 8.25
C ASP B 314 -29.11 -7.18 7.69
N ALA B 315 -29.19 -7.09 6.36
CA ALA B 315 -29.94 -6.02 5.73
C ALA B 315 -31.42 -6.05 6.08
N LEU B 316 -31.95 -7.21 6.47
CA LEU B 316 -33.36 -7.34 6.81
C LEU B 316 -33.60 -7.34 8.31
N LYS B 317 -32.56 -7.23 9.13
CA LYS B 317 -32.69 -7.30 10.57
C LYS B 317 -31.97 -6.12 11.21
N ALA B 318 -32.38 -5.80 12.44
CA ALA B 318 -31.79 -4.71 13.19
C ALA B 318 -30.63 -5.15 14.07
N ASP B 319 -30.25 -6.42 14.00
CA ASP B 319 -29.20 -6.98 14.85
C ASP B 319 -27.96 -7.27 14.01
N ARG B 320 -26.80 -6.87 14.52
CA ARG B 320 -25.54 -7.18 13.86
C ARG B 320 -25.26 -8.68 13.92
N ALA B 321 -24.58 -9.18 12.90
CA ALA B 321 -24.30 -10.61 12.78
C ALA B 321 -22.83 -10.95 12.95
N GLY B 322 -21.93 -10.32 12.17
CA GLY B 322 -20.53 -10.67 12.23
C GLY B 322 -19.64 -9.45 12.07
N VAL B 323 -18.38 -9.62 12.47
CA VAL B 323 -17.38 -8.57 12.41
C VAL B 323 -16.15 -9.12 11.67
N LEU B 324 -15.61 -8.34 10.75
CA LEU B 324 -14.44 -8.73 9.97
C LEU B 324 -13.26 -7.86 10.42
N ALA B 325 -12.58 -8.32 11.45
CA ALA B 325 -11.43 -7.62 12.00
C ALA B 325 -10.14 -8.22 11.45
N GLY B 326 -9.07 -7.44 11.50
CA GLY B 326 -7.79 -7.89 11.00
C GLY B 326 -6.99 -6.79 10.31
N HIS B 327 -7.63 -5.64 10.10
CA HIS B 327 -6.97 -4.50 9.48
C HIS B 327 -6.38 -3.60 10.56
N ASP B 328 -5.21 -3.02 10.25
CA ASP B 328 -4.45 -2.24 11.21
C ASP B 328 -4.66 -0.74 11.05
N ASN B 329 -5.64 -0.32 10.25
CA ASN B 329 -5.91 1.10 10.05
C ASN B 329 -7.35 1.25 9.55
N ARG B 330 -7.70 2.47 9.14
CA ARG B 330 -9.04 2.75 8.66
C ARG B 330 -9.31 2.02 7.35
N VAL B 331 -10.47 1.37 7.27
CA VAL B 331 -10.86 0.64 6.07
C VAL B 331 -11.41 1.63 5.06
N SER B 332 -10.80 1.68 3.88
CA SER B 332 -11.22 2.64 2.86
C SER B 332 -12.22 2.04 1.89
N CYS B 333 -11.84 0.97 1.21
CA CYS B 333 -12.61 0.39 0.13
C CYS B 333 -13.13 -0.99 0.52
N LEU B 334 -14.08 -1.48 -0.27
CA LEU B 334 -14.72 -2.77 -0.02
C LEU B 334 -15.49 -3.24 -1.24
N GLY B 335 -15.30 -4.49 -1.63
CA GLY B 335 -15.94 -5.03 -2.82
C GLY B 335 -16.36 -6.46 -2.63
N VAL B 336 -17.38 -6.85 -3.40
CA VAL B 336 -17.94 -8.21 -3.36
C VAL B 336 -18.05 -8.71 -4.78
N THR B 337 -17.72 -9.99 -4.98
CA THR B 337 -17.71 -10.58 -6.32
C THR B 337 -19.12 -10.61 -6.91
N ASP B 338 -19.17 -10.82 -8.22
CA ASP B 338 -20.46 -10.92 -8.91
C ASP B 338 -21.21 -12.18 -8.53
N ASP B 339 -20.49 -13.27 -8.27
CA ASP B 339 -21.09 -14.53 -7.87
C ASP B 339 -21.12 -14.73 -6.35
N GLY B 340 -20.65 -13.76 -5.58
CA GLY B 340 -20.67 -13.85 -4.13
C GLY B 340 -19.74 -14.92 -3.58
N MET B 341 -18.56 -15.09 -4.15
CA MET B 341 -17.62 -16.11 -3.70
C MET B 341 -16.57 -15.59 -2.73
N ALA B 342 -16.23 -14.31 -2.80
CA ALA B 342 -15.22 -13.74 -1.92
C ALA B 342 -15.54 -12.27 -1.68
N VAL B 343 -14.95 -11.72 -0.62
CA VAL B 343 -15.12 -10.33 -0.25
C VAL B 343 -13.74 -9.71 -0.09
N ALA B 344 -13.47 -8.64 -0.83
CA ALA B 344 -12.17 -7.99 -0.77
C ALA B 344 -12.28 -6.69 0.01
N THR B 345 -11.37 -6.52 0.97
CA THR B 345 -11.34 -5.35 1.84
C THR B 345 -9.98 -4.69 1.76
N GLY B 346 -9.98 -3.37 1.67
CA GLY B 346 -8.76 -2.59 1.71
C GLY B 346 -8.82 -1.55 2.80
N SER B 347 -7.66 -1.10 3.27
CA SER B 347 -7.62 -0.16 4.38
C SER B 347 -6.44 0.78 4.20
N TRP B 348 -6.26 1.69 5.16
CA TRP B 348 -5.20 2.69 5.06
C TRP B 348 -3.81 2.08 5.17
N ASP B 349 -3.70 0.87 5.70
CA ASP B 349 -2.46 0.11 5.55
C ASP B 349 -2.46 -0.55 4.18
N SER B 350 -1.27 -0.68 3.61
CA SER B 350 -1.15 -1.06 2.21
C SER B 350 -1.55 -2.51 1.91
N PHE B 351 -2.12 -3.27 2.84
CA PHE B 351 -2.48 -4.66 2.60
C PHE B 351 -3.95 -4.76 2.18
N LEU B 352 -4.20 -5.46 1.08
CA LEU B 352 -5.54 -5.75 0.61
C LEU B 352 -5.83 -7.21 0.88
N LYS B 353 -6.95 -7.49 1.54
CA LYS B 353 -7.24 -8.83 2.03
C LYS B 353 -8.48 -9.39 1.34
N ILE B 354 -8.40 -10.67 0.97
CA ILE B 354 -9.53 -11.39 0.37
C ILE B 354 -10.03 -12.40 1.39
N TRP B 355 -11.30 -12.26 1.76
CA TRP B 355 -11.99 -13.00 2.80
C TRP B 355 -12.98 -13.97 2.17
N ASN B 356 -13.09 -15.15 2.77
CA ASN B 356 -14.06 -16.14 2.32
C ASN B 356 -14.39 -17.12 3.44
N ALA C 7 -30.56 36.71 -12.75
CA ALA C 7 -29.84 36.62 -11.49
C ALA C 7 -30.51 35.63 -10.54
N SER C 8 -31.19 36.17 -9.52
CA SER C 8 -31.86 35.31 -8.56
C SER C 8 -33.14 34.71 -9.14
N ILE C 9 -33.69 35.30 -10.20
CA ILE C 9 -34.94 34.81 -10.77
C ILE C 9 -34.75 33.44 -11.39
N ALA C 10 -33.61 33.21 -12.05
CA ALA C 10 -33.36 31.91 -12.66
C ALA C 10 -33.26 30.82 -11.60
N GLN C 11 -32.53 31.09 -10.51
CA GLN C 11 -32.43 30.13 -9.43
C GLN C 11 -33.79 29.89 -8.78
N ALA C 12 -34.59 30.96 -8.63
CA ALA C 12 -35.91 30.82 -8.04
C ALA C 12 -36.80 29.91 -8.88
N ARG C 13 -36.83 30.14 -10.20
CA ARG C 13 -37.63 29.30 -11.07
C ARG C 13 -37.12 27.86 -11.07
N LYS C 14 -35.80 27.67 -11.11
CA LYS C 14 -35.24 26.32 -11.10
C LYS C 14 -35.61 25.58 -9.81
N LEU C 15 -35.58 26.28 -8.68
CA LEU C 15 -35.94 25.64 -7.42
C LEU C 15 -37.43 25.32 -7.35
N VAL C 16 -38.28 26.29 -7.71
CA VAL C 16 -39.72 26.08 -7.54
C VAL C 16 -40.23 25.02 -8.52
N GLU C 17 -39.62 24.92 -9.70
CA GLU C 17 -40.09 23.97 -10.70
C GLU C 17 -39.81 22.52 -10.32
N GLN C 18 -38.83 22.28 -9.43
CA GLN C 18 -38.39 20.92 -9.17
C GLN C 18 -39.35 20.19 -8.24
N LEU C 19 -39.72 20.80 -7.11
CA LEU C 19 -40.52 20.10 -6.11
C LEU C 19 -41.92 19.78 -6.64
N LYS C 20 -42.51 20.68 -7.41
CA LYS C 20 -43.84 20.43 -7.94
C LYS C 20 -43.86 19.22 -8.87
N MET C 21 -42.80 19.03 -9.65
CA MET C 21 -42.69 17.83 -10.47
C MET C 21 -42.55 16.58 -9.62
N GLU C 22 -41.81 16.69 -8.50
CA GLU C 22 -41.60 15.54 -7.62
C GLU C 22 -42.88 15.10 -6.93
N ALA C 23 -43.88 15.98 -6.82
CA ALA C 23 -45.12 15.64 -6.14
C ALA C 23 -46.12 14.92 -7.03
N ASN C 24 -45.84 14.78 -8.32
CA ASN C 24 -46.76 14.13 -9.25
C ASN C 24 -46.54 12.64 -9.36
N ILE C 25 -45.49 12.10 -8.75
CA ILE C 25 -45.22 10.66 -8.80
C ILE C 25 -46.08 9.96 -7.77
N ASP C 26 -46.86 8.97 -8.21
CA ASP C 26 -47.68 8.20 -7.30
C ASP C 26 -46.83 7.32 -6.39
N ARG C 27 -47.39 6.97 -5.24
CA ARG C 27 -46.68 6.17 -4.24
C ARG C 27 -47.51 4.95 -3.87
N ILE C 28 -46.81 3.87 -3.53
CA ILE C 28 -47.44 2.66 -3.04
C ILE C 28 -47.05 2.47 -1.58
N LYS C 29 -47.82 1.62 -0.89
CA LYS C 29 -47.54 1.35 0.52
C LYS C 29 -46.18 0.70 0.68
N VAL C 30 -45.46 1.09 1.73
CA VAL C 30 -44.13 0.56 1.99
C VAL C 30 -44.17 -0.93 2.30
N SER C 31 -45.32 -1.44 2.77
CA SER C 31 -45.43 -2.85 3.09
C SER C 31 -45.24 -3.72 1.85
N LYS C 32 -45.80 -3.30 0.72
CA LYS C 32 -45.64 -4.05 -0.51
C LYS C 32 -44.18 -4.10 -0.96
N ALA C 33 -43.48 -2.96 -0.88
CA ALA C 33 -42.07 -2.94 -1.25
C ALA C 33 -41.23 -3.80 -0.31
N ALA C 34 -41.52 -3.75 0.98
CA ALA C 34 -40.80 -4.60 1.94
C ALA C 34 -41.04 -6.07 1.66
N ALA C 35 -42.29 -6.45 1.37
CA ALA C 35 -42.60 -7.83 1.05
C ALA C 35 -41.89 -8.28 -0.22
N ASP C 36 -41.85 -7.42 -1.24
CA ASP C 36 -41.16 -7.76 -2.47
C ASP C 36 -39.66 -7.95 -2.22
N LEU C 37 -39.06 -7.06 -1.42
CA LEU C 37 -37.64 -7.20 -1.12
C LEU C 37 -37.37 -8.49 -0.34
N MET C 38 -38.24 -8.81 0.62
CA MET C 38 -38.07 -10.05 1.39
C MET C 38 -38.19 -11.26 0.48
N ALA C 39 -39.16 -11.25 -0.43
CA ALA C 39 -39.33 -12.38 -1.35
C ALA C 39 -38.12 -12.53 -2.26
N TYR C 40 -37.59 -11.41 -2.77
CA TYR C 40 -36.39 -11.48 -3.60
C TYR C 40 -35.21 -12.01 -2.80
N CYS C 41 -35.09 -11.60 -1.54
CA CYS C 41 -33.99 -12.06 -0.71
C CYS C 41 -34.07 -13.56 -0.46
N GLU C 42 -35.25 -14.07 -0.12
CA GLU C 42 -35.35 -15.49 0.18
C GLU C 42 -35.36 -16.37 -1.06
N ALA C 43 -35.68 -15.80 -2.22
CA ALA C 43 -35.71 -16.59 -3.45
C ALA C 43 -34.30 -17.00 -3.87
N HIS C 44 -33.33 -16.10 -3.75
CA HIS C 44 -31.96 -16.37 -4.15
C HIS C 44 -31.07 -16.74 -2.98
N ALA C 45 -31.64 -17.34 -1.93
CA ALA C 45 -30.93 -17.63 -0.71
C ALA C 45 -30.23 -18.98 -0.71
N LYS C 46 -30.43 -19.80 -1.75
CA LYS C 46 -29.83 -21.13 -1.79
C LYS C 46 -28.52 -21.17 -2.58
N GLU C 47 -28.03 -20.04 -3.10
CA GLU C 47 -26.68 -19.93 -3.65
C GLU C 47 -26.02 -18.70 -3.03
N ASP C 48 -25.42 -18.89 -1.86
CA ASP C 48 -24.71 -17.82 -1.15
C ASP C 48 -23.48 -18.43 -0.48
N PRO C 49 -22.33 -18.42 -1.15
CA PRO C 49 -21.11 -18.97 -0.54
C PRO C 49 -20.72 -18.27 0.76
N LEU C 50 -20.99 -16.96 0.88
CA LEU C 50 -20.63 -16.26 2.10
C LEU C 50 -21.51 -16.68 3.28
N LEU C 51 -22.77 -17.04 3.00
CA LEU C 51 -23.68 -17.46 4.06
C LEU C 51 -23.34 -18.86 4.55
N THR C 52 -23.34 -19.83 3.63
CA THR C 52 -23.08 -21.23 3.98
C THR C 52 -21.73 -21.65 3.42
N PRO C 53 -20.69 -21.80 4.24
CA PRO C 53 -19.37 -22.22 3.75
C PRO C 53 -19.33 -23.70 3.44
N VAL C 54 -19.19 -24.04 2.17
CA VAL C 54 -19.11 -25.42 1.71
C VAL C 54 -17.85 -25.55 0.86
N PRO C 55 -17.03 -26.59 1.04
CA PRO C 55 -15.83 -26.79 0.22
C PRO C 55 -16.16 -27.18 -1.21
N PRO C 60 -12.15 -22.77 -4.58
CA PRO C 60 -11.50 -21.87 -5.55
C PRO C 60 -10.38 -21.04 -4.93
N PHE C 61 -10.57 -20.61 -3.68
CA PHE C 61 -9.58 -19.81 -2.97
C PHE C 61 -8.76 -20.63 -1.99
N ARG C 62 -8.90 -21.96 -2.01
CA ARG C 62 -8.13 -22.82 -1.11
C ARG C 62 -6.65 -22.79 -1.48
N GLU C 63 -5.79 -22.96 -0.48
CA GLU C 63 -4.35 -23.00 -0.69
C GLU C 63 -3.94 -24.23 -1.49
N GLU D 8 40.15 -23.95 51.79
CA GLU D 8 40.90 -24.13 50.56
C GLU D 8 40.10 -23.64 49.37
N CYS D 9 39.01 -24.32 49.09
CA CYS D 9 38.19 -23.96 47.95
C CYS D 9 37.29 -22.72 48.13
N PHE D 10 36.25 -22.60 47.34
CA PHE D 10 35.48 -21.38 47.54
C PHE D 10 35.26 -21.14 49.03
N MET D 11 35.83 -20.05 49.54
CA MET D 11 35.79 -19.70 50.95
C MET D 11 34.81 -18.56 51.16
N VAL D 12 33.89 -18.75 52.11
CA VAL D 12 32.94 -17.72 52.51
C VAL D 12 33.11 -17.48 54.01
N LEU D 13 32.88 -16.24 54.44
CA LEU D 13 33.18 -15.84 55.81
C LEU D 13 32.44 -16.64 56.86
N ASN D 14 31.10 -16.54 56.88
CA ASN D 14 30.30 -17.10 57.96
C ASN D 14 28.85 -17.24 57.52
N PRO D 15 28.05 -18.09 58.17
CA PRO D 15 26.65 -18.24 57.74
C PRO D 15 25.81 -17.01 58.04
N SER D 16 26.02 -16.39 59.21
CA SER D 16 25.14 -15.31 59.64
C SER D 16 25.19 -14.11 58.70
N GLN D 17 26.38 -13.68 58.30
CA GLN D 17 26.50 -12.48 57.47
C GLN D 17 25.99 -12.68 56.05
N GLN D 18 26.05 -13.90 55.53
CA GLN D 18 25.57 -14.20 54.18
C GLN D 18 24.11 -14.63 54.17
N LEU D 19 23.33 -14.19 55.14
CA LEU D 19 21.88 -14.19 55.01
C LEU D 19 21.35 -12.90 54.39
N ALA D 20 21.90 -11.75 54.79
CA ALA D 20 21.50 -10.49 54.18
C ALA D 20 21.85 -10.46 52.70
N ILE D 21 23.02 -11.00 52.33
CA ILE D 21 23.40 -11.04 50.93
C ILE D 21 22.41 -11.87 50.12
N ALA D 22 22.05 -13.04 50.64
CA ALA D 22 21.10 -13.90 49.94
C ALA D 22 19.74 -13.24 49.83
N VAL D 23 19.29 -12.58 50.91
CA VAL D 23 18.00 -11.90 50.88
C VAL D 23 18.00 -10.77 49.84
N LEU D 24 19.08 -9.98 49.81
CA LEU D 24 19.17 -8.90 48.84
C LEU D 24 19.20 -9.44 47.42
N SER D 25 19.95 -10.52 47.18
CA SER D 25 20.00 -11.11 45.85
C SER D 25 18.63 -11.63 45.42
N LEU D 26 17.92 -12.30 46.34
CA LEU D 26 16.58 -12.80 46.02
C LEU D 26 15.62 -11.66 45.72
N THR D 27 15.68 -10.58 46.50
CA THR D 27 14.81 -9.44 46.26
C THR D 27 15.11 -8.80 44.91
N LEU D 28 16.40 -8.64 44.58
CA LEU D 28 16.77 -8.06 43.30
C LEU D 28 16.32 -8.94 42.15
N GLY D 29 16.48 -10.27 42.29
CA GLY D 29 16.03 -11.17 41.24
C GLY D 29 14.53 -11.13 41.03
N THR D 30 13.77 -11.13 42.13
CA THR D 30 12.31 -11.05 42.02
C THR D 30 11.88 -9.74 41.36
N PHE D 31 12.49 -8.63 41.77
CA PHE D 31 12.17 -7.34 41.17
C PHE D 31 12.50 -7.34 39.68
N THR D 32 13.65 -7.90 39.31
CA THR D 32 14.03 -7.97 37.90
C THR D 32 13.01 -8.77 37.10
N VAL D 33 12.64 -9.95 37.61
CA VAL D 33 11.71 -10.81 36.89
C VAL D 33 10.36 -10.13 36.72
N LEU D 34 9.83 -9.52 37.80
CA LEU D 34 8.51 -8.89 37.70
C LEU D 34 8.54 -7.67 36.78
N GLU D 35 9.59 -6.83 36.87
CA GLU D 35 9.65 -5.64 36.03
C GLU D 35 9.84 -6.01 34.57
N ASN D 36 10.67 -7.00 34.27
CA ASN D 36 10.84 -7.43 32.89
C ASN D 36 9.58 -8.11 32.36
N LEU D 37 8.84 -8.82 33.21
CA LEU D 37 7.56 -9.37 32.79
C LEU D 37 6.58 -8.26 32.44
N LEU D 38 6.52 -7.21 33.25
CA LEU D 38 5.66 -6.07 32.94
C LEU D 38 6.08 -5.40 31.64
N VAL D 39 7.39 -5.25 31.43
CA VAL D 39 7.90 -4.63 30.20
C VAL D 39 7.53 -5.47 29.00
N LEU D 40 7.66 -6.80 29.10
CA LEU D 40 7.27 -7.68 28.01
C LEU D 40 5.77 -7.57 27.74
N CYS D 41 4.97 -7.50 28.80
CA CYS D 41 3.52 -7.40 28.63
C CYS D 41 3.13 -6.10 27.92
N VAL D 42 3.81 -5.00 28.25
CA VAL D 42 3.46 -3.71 27.66
C VAL D 42 4.19 -3.43 26.34
N ILE D 43 5.16 -4.25 25.96
CA ILE D 43 5.95 -4.03 24.76
C ILE D 43 5.83 -5.16 23.76
N LEU D 44 5.85 -6.42 24.22
CA LEU D 44 5.85 -7.58 23.34
C LEU D 44 4.44 -8.01 22.94
N HIS D 45 3.48 -7.09 22.94
CA HIS D 45 2.17 -7.37 22.37
C HIS D 45 2.26 -7.67 20.88
N SER D 46 3.34 -7.26 20.22
CA SER D 46 3.59 -7.53 18.81
C SER D 46 2.46 -7.02 17.93
N ARG D 47 2.10 -5.79 18.15
CA ARG D 47 1.06 -5.31 17.33
C ARG D 47 1.63 -4.27 16.41
N SER D 48 2.06 -3.20 17.01
CA SER D 48 2.45 -2.06 16.18
C SER D 48 3.87 -1.60 16.50
N LEU D 49 4.36 -1.92 17.70
CA LEU D 49 5.67 -1.46 18.14
C LEU D 49 6.81 -2.27 17.56
N ARG D 50 6.52 -3.38 16.87
CA ARG D 50 7.58 -4.20 16.30
C ARG D 50 8.20 -3.59 15.04
N CYS D 51 7.61 -2.52 14.50
CA CYS D 51 8.12 -1.94 13.27
C CYS D 51 9.48 -1.28 13.48
N ARG D 52 9.65 -0.58 14.59
CA ARG D 52 10.88 0.16 14.83
C ARG D 52 12.00 -0.81 15.22
N PRO D 53 13.13 -0.81 14.51
CA PRO D 53 14.22 -1.72 14.89
C PRO D 53 14.73 -1.52 16.31
N SER D 54 14.83 -0.27 16.76
CA SER D 54 15.35 0.01 18.09
C SER D 54 14.48 -0.61 19.18
N TYR D 55 13.19 -0.81 18.90
CA TYR D 55 12.31 -1.40 19.90
C TYR D 55 12.63 -2.87 20.13
N HIS D 56 13.06 -3.61 19.11
CA HIS D 56 13.50 -4.97 19.37
C HIS D 56 14.99 -5.05 19.70
N PHE D 57 15.76 -3.98 19.46
CA PHE D 57 17.09 -3.91 20.05
C PHE D 57 17.00 -3.84 21.58
N ILE D 58 16.06 -3.05 22.10
CA ILE D 58 15.86 -3.00 23.55
C ILE D 58 15.29 -4.32 24.05
N GLY D 59 14.39 -4.93 23.27
CA GLY D 59 13.83 -6.22 23.67
C GLY D 59 14.89 -7.29 23.81
N SER D 60 15.90 -7.28 22.93
CA SER D 60 16.99 -8.24 23.04
C SER D 60 17.75 -8.06 24.35
N LEU D 61 18.02 -6.80 24.71
CA LEU D 61 18.72 -6.53 25.96
C LEU D 61 17.91 -7.00 27.17
N ALA D 62 16.60 -6.74 27.16
CA ALA D 62 15.76 -7.18 28.26
C ALA D 62 15.72 -8.70 28.35
N VAL D 63 15.62 -9.38 27.21
CA VAL D 63 15.60 -10.84 27.19
C VAL D 63 16.91 -11.39 27.73
N ALA D 64 18.03 -10.82 27.29
CA ALA D 64 19.33 -11.28 27.77
C ALA D 64 19.49 -11.05 29.26
N ASP D 65 19.06 -9.89 29.76
CA ASP D 65 19.15 -9.62 31.18
C ASP D 65 18.29 -10.58 31.99
N LEU D 66 17.06 -10.84 31.54
CA LEU D 66 16.18 -11.75 32.26
C LEU D 66 16.76 -13.15 32.27
N LEU D 67 17.29 -13.64 31.19
CA LEU D 67 17.89 -14.94 31.36
C LEU D 67 18.95 -14.73 32.39
N GLY D 68 19.97 -14.06 31.96
CA GLY D 68 21.13 -14.08 32.84
C GLY D 68 20.75 -14.07 34.30
N SER D 69 19.76 -13.27 34.67
CA SER D 69 19.31 -13.23 36.06
C SER D 69 18.71 -14.57 36.48
N VAL D 70 17.91 -15.18 35.59
CA VAL D 70 17.27 -16.46 35.94
C VAL D 70 18.32 -17.55 36.12
N ILE D 71 19.27 -17.64 35.19
CA ILE D 71 20.24 -18.72 35.25
C ILE D 71 21.36 -18.49 36.25
N PHE D 72 21.34 -17.37 36.98
CA PHE D 72 22.40 -17.06 37.93
C PHE D 72 21.92 -16.95 39.37
N VAL D 73 20.80 -16.26 39.62
CA VAL D 73 20.36 -16.05 41.00
C VAL D 73 19.93 -17.37 41.63
N TYR D 74 19.32 -18.26 40.84
CA TYR D 74 18.90 -19.55 41.37
C TYR D 74 20.08 -20.50 41.55
N SER D 75 21.08 -20.42 40.67
CA SER D 75 22.25 -21.29 40.76
C SER D 75 23.27 -20.80 41.78
N PHE D 76 23.13 -19.57 42.27
CA PHE D 76 24.03 -19.03 43.28
C PHE D 76 23.49 -19.15 44.69
N ILE D 77 22.28 -19.70 44.86
CA ILE D 77 21.68 -19.82 46.18
C ILE D 77 22.04 -21.12 46.89
N ASP D 78 22.57 -22.10 46.16
CA ASP D 78 22.94 -23.38 46.75
C ASP D 78 24.38 -23.42 47.24
N PHE D 79 25.10 -22.29 47.17
CA PHE D 79 26.44 -22.17 47.72
C PHE D 79 26.43 -21.67 49.16
N HIS D 83 27.58 -26.35 49.81
CA HIS D 83 28.72 -26.06 48.94
C HIS D 83 28.97 -27.24 47.99
N ARG D 84 27.89 -27.72 47.38
CA ARG D 84 27.98 -28.88 46.51
C ARG D 84 28.81 -28.59 45.27
N LYS D 85 29.74 -29.49 44.95
CA LYS D 85 30.57 -29.33 43.76
C LYS D 85 29.94 -30.02 42.55
N ASP D 86 29.32 -31.16 42.76
CA ASP D 86 28.71 -31.98 41.68
C ASP D 86 29.84 -32.32 40.69
N SER D 87 29.63 -32.10 39.39
CA SER D 87 30.64 -32.36 38.38
C SER D 87 31.09 -31.04 37.76
N ARG D 88 32.32 -31.03 37.27
CA ARG D 88 32.88 -29.82 36.68
C ARG D 88 32.12 -29.41 35.42
N ASN D 89 31.53 -30.38 34.72
CA ASN D 89 30.82 -30.07 33.48
C ASN D 89 29.66 -29.12 33.73
N VAL D 90 28.90 -29.36 34.80
CA VAL D 90 27.76 -28.50 35.11
C VAL D 90 28.23 -27.08 35.43
N PHE D 91 29.29 -26.95 36.23
CA PHE D 91 29.78 -25.62 36.59
C PHE D 91 30.31 -24.88 35.36
N LEU D 92 31.07 -25.56 34.50
CA LEU D 92 31.54 -24.91 33.28
C LEU D 92 30.38 -24.53 32.37
N PHE D 93 29.37 -25.38 32.27
CA PHE D 93 28.22 -25.07 31.43
C PHE D 93 27.47 -23.84 31.93
N LYS D 94 27.25 -23.77 33.24
CA LYS D 94 26.54 -22.62 33.80
C LYS D 94 27.38 -21.35 33.71
N LEU D 95 28.70 -21.47 33.88
CA LEU D 95 29.57 -20.31 33.75
C LEU D 95 29.58 -19.80 32.31
N GLY D 96 29.62 -20.73 31.34
CA GLY D 96 29.55 -20.32 29.95
C GLY D 96 28.23 -19.66 29.60
N GLY D 97 27.13 -20.19 30.13
CA GLY D 97 25.84 -19.55 29.91
C GLY D 97 25.77 -18.16 30.50
N VAL D 98 26.26 -17.98 31.73
CA VAL D 98 26.27 -16.66 32.35
C VAL D 98 27.12 -15.69 31.55
N THR D 99 28.31 -16.14 31.13
CA THR D 99 29.20 -15.30 30.33
C THR D 99 28.54 -14.92 29.01
N ALA D 100 27.88 -15.88 28.34
CA ALA D 100 27.21 -15.59 27.09
C ALA D 100 26.09 -14.58 27.29
N SER D 101 25.30 -14.73 28.36
CA SER D 101 24.23 -13.77 28.62
C SER D 101 24.77 -12.37 28.88
N PHE D 102 25.85 -12.27 29.67
CA PHE D 102 26.41 -10.96 29.98
C PHE D 102 26.98 -10.30 28.73
N THR D 103 27.74 -11.05 27.92
CA THR D 103 28.31 -10.44 26.71
C THR D 103 27.24 -10.15 25.68
N ALA D 104 26.13 -10.91 25.67
CA ALA D 104 25.02 -10.58 24.79
C ALA D 104 24.33 -9.29 25.22
N SER D 105 24.19 -9.09 26.54
CA SER D 105 23.63 -7.83 27.02
C SER D 105 24.54 -6.66 26.64
N VAL D 106 25.86 -6.83 26.79
CA VAL D 106 26.79 -5.78 26.42
C VAL D 106 26.72 -5.50 24.92
N GLY D 107 26.62 -6.56 24.11
CA GLY D 107 26.50 -6.37 22.67
C GLY D 107 25.22 -5.66 22.28
N SER D 108 24.11 -5.97 22.96
CA SER D 108 22.86 -5.27 22.70
C SER D 108 22.96 -3.80 23.07
N LEU D 109 23.62 -3.50 24.19
CA LEU D 109 23.85 -2.10 24.56
C LEU D 109 24.70 -1.40 23.51
N PHE D 110 25.74 -2.06 23.02
CA PHE D 110 26.57 -1.48 21.97
C PHE D 110 25.77 -1.23 20.70
N LEU D 111 24.91 -2.18 20.33
CA LEU D 111 24.09 -2.03 19.12
C LEU D 111 23.11 -0.87 19.25
N THR D 112 22.46 -0.74 20.40
CA THR D 112 21.51 0.37 20.55
C THR D 112 22.25 1.71 20.64
N ALA D 113 23.45 1.74 21.23
CA ALA D 113 24.25 2.95 21.21
C ALA D 113 24.64 3.33 19.78
N ILE D 114 25.00 2.34 18.96
CA ILE D 114 25.32 2.61 17.56
C ILE D 114 24.09 3.13 16.82
N ASP D 115 22.92 2.55 17.11
CA ASP D 115 21.69 3.02 16.48
C ASP D 115 21.41 4.48 16.82
N ARG D 116 21.54 4.82 18.11
CA ARG D 116 21.32 6.22 18.51
C ARG D 116 22.37 7.14 17.91
N TYR D 117 23.61 6.68 17.79
CA TYR D 117 24.65 7.48 17.13
C TYR D 117 24.28 7.75 15.68
N ILE D 118 23.79 6.73 14.98
CA ILE D 118 23.42 6.90 13.57
C ILE D 118 22.23 7.84 13.44
N SER D 119 21.28 7.76 14.38
CA SER D 119 20.07 8.57 14.27
C SER D 119 20.34 10.07 14.30
N ILE D 120 21.50 10.50 14.81
CA ILE D 120 21.91 11.88 14.70
C ILE D 120 22.99 12.10 13.65
N HIS D 121 23.88 11.13 13.43
CA HIS D 121 24.94 11.28 12.44
C HIS D 121 24.35 11.48 11.04
N ARG D 122 23.34 10.70 10.68
CA ARG D 122 22.70 10.79 9.37
C ARG D 122 21.20 10.90 9.58
N PRO D 123 20.70 12.08 9.97
CA PRO D 123 19.27 12.24 10.21
C PRO D 123 18.41 11.97 8.99
N LEU D 124 18.88 12.34 7.79
CA LEU D 124 18.10 12.13 6.58
C LEU D 124 18.17 10.68 6.11
N ALA D 125 19.30 10.02 6.30
CA ALA D 125 19.51 8.66 5.82
C ALA D 125 19.28 7.61 6.90
N TYR D 126 18.73 7.99 8.05
CA TYR D 126 18.54 7.03 9.13
C TYR D 126 17.55 5.94 8.73
N LYS D 127 16.49 6.31 8.01
CA LYS D 127 15.48 5.33 7.62
C LYS D 127 16.00 4.32 6.61
N ARG D 128 17.10 4.63 5.92
CA ARG D 128 17.67 3.72 4.94
C ARG D 128 18.89 2.98 5.46
N ILE D 129 19.72 3.63 6.28
CA ILE D 129 20.90 2.97 6.83
C ILE D 129 20.49 1.82 7.76
N VAL D 130 19.51 2.07 8.62
CA VAL D 130 19.02 1.08 9.57
C VAL D 130 17.66 0.60 9.08
N THR D 131 17.59 -0.67 8.68
CA THR D 131 16.35 -1.28 8.23
C THR D 131 16.20 -2.64 8.87
N ARG D 132 14.97 -3.12 8.94
CA ARG D 132 14.70 -4.44 9.52
C ARG D 132 15.47 -5.56 8.83
N PRO D 133 15.58 -5.63 7.49
CA PRO D 133 16.45 -6.66 6.90
C PRO D 133 17.90 -6.55 7.32
N LYS D 134 18.39 -5.33 7.54
CA LYS D 134 19.77 -5.11 7.96
C LYS D 134 19.95 -5.13 9.47
N ALA D 135 18.86 -5.20 10.23
CA ALA D 135 18.94 -5.24 11.68
C ALA D 135 18.98 -6.66 12.25
N VAL D 136 18.85 -7.67 11.40
CA VAL D 136 18.88 -9.06 11.87
C VAL D 136 20.22 -9.74 11.64
N VAL D 137 21.06 -9.21 10.74
CA VAL D 137 22.38 -9.79 10.53
C VAL D 137 23.27 -9.53 11.74
N ALA D 138 23.27 -8.30 12.25
CA ALA D 138 24.04 -7.98 13.45
C ALA D 138 23.43 -8.63 14.68
N PHE D 139 22.10 -8.72 14.73
CA PHE D 139 21.42 -9.34 15.87
C PHE D 139 21.86 -10.79 16.03
N CYS D 140 21.91 -11.53 14.92
CA CYS D 140 22.35 -12.92 14.98
C CYS D 140 23.87 -13.03 15.13
N LEU D 141 24.61 -12.11 14.51
CA LEU D 141 26.07 -12.17 14.60
C LEU D 141 26.56 -11.96 16.03
N MET D 142 25.94 -11.03 16.75
CA MET D 142 26.33 -10.80 18.14
C MET D 142 26.08 -12.04 19.00
N TRP D 143 24.93 -12.69 18.81
CA TRP D 143 24.64 -13.90 19.56
C TRP D 143 25.61 -15.02 19.22
N THR D 144 25.95 -15.17 17.94
CA THR D 144 26.91 -16.20 17.55
C THR D 144 28.27 -15.95 18.17
N ILE D 145 28.71 -14.69 18.17
CA ILE D 145 29.99 -14.35 18.81
C ILE D 145 29.91 -14.63 20.31
N ALA D 146 28.78 -14.31 20.94
CA ALA D 146 28.62 -14.61 22.36
C ALA D 146 28.76 -16.09 22.64
N ILE D 147 28.08 -16.92 21.84
CA ILE D 147 28.14 -18.37 22.03
C ILE D 147 29.54 -18.91 21.81
N VAL D 148 30.23 -18.47 20.76
CA VAL D 148 31.55 -19.02 20.48
C VAL D 148 32.56 -18.57 21.53
N ILE D 149 32.45 -17.32 22.00
CA ILE D 149 33.38 -16.87 23.03
C ILE D 149 33.06 -17.49 24.39
N ALA D 150 31.81 -17.94 24.60
CA ALA D 150 31.49 -18.66 25.82
C ALA D 150 31.99 -20.10 25.75
N VAL D 151 31.93 -20.72 24.57
CA VAL D 151 32.29 -22.13 24.43
C VAL D 151 33.78 -22.34 24.13
N LEU D 152 34.52 -21.26 23.83
CA LEU D 152 35.94 -21.39 23.52
C LEU D 152 36.76 -22.09 24.60
N PRO D 153 36.66 -21.74 25.90
CA PRO D 153 37.52 -22.42 26.89
C PRO D 153 37.24 -23.91 27.03
N LEU D 154 36.02 -24.36 26.78
CA LEU D 154 35.70 -25.78 26.97
C LEU D 154 36.38 -26.64 25.90
N LEU D 155 36.47 -26.14 24.67
CA LEU D 155 37.11 -26.86 23.57
C LEU D 155 38.45 -26.27 23.17
N GLY D 156 39.05 -25.44 24.01
CA GLY D 156 40.30 -24.81 23.66
C GLY D 156 41.45 -25.09 24.62
N TRP D 157 42.19 -24.06 24.96
CA TRP D 157 43.42 -24.20 25.72
C TRP D 157 43.17 -24.01 27.23
N ASN D 158 43.55 -24.98 28.09
CA ASN D 158 43.11 -24.72 29.51
C ASN D 158 44.12 -25.01 30.61
N CYS D 159 44.59 -26.25 30.63
CA CYS D 159 45.68 -26.70 31.48
C CYS D 159 45.86 -28.16 31.21
N ILE D 173 39.07 -21.34 34.64
CA ILE D 173 39.75 -20.55 33.63
C ILE D 173 41.12 -20.10 34.10
N ASP D 174 42.01 -19.94 33.14
CA ASP D 174 43.41 -19.60 33.37
C ASP D 174 43.58 -18.15 32.92
N GLU D 175 44.68 -17.52 33.30
CA GLU D 175 44.93 -16.13 32.93
C GLU D 175 44.74 -15.80 31.48
N THR D 176 44.86 -16.75 30.56
CA THR D 176 44.63 -16.30 29.19
C THR D 176 43.15 -16.03 28.95
N TYR D 177 42.28 -16.94 29.40
CA TYR D 177 40.84 -16.72 29.28
C TYR D 177 40.40 -15.52 30.12
N LEU D 178 40.96 -15.39 31.32
CA LEU D 178 40.59 -14.26 32.18
C LEU D 178 40.95 -12.93 31.53
N MET D 179 42.12 -12.88 30.88
CA MET D 179 42.56 -11.66 30.21
C MET D 179 41.87 -11.42 28.88
N PHE D 180 41.37 -12.46 28.21
CA PHE D 180 40.65 -12.30 26.96
C PHE D 180 39.17 -12.05 27.20
N TRP D 181 38.71 -12.25 28.44
CA TRP D 181 37.38 -11.82 28.83
C TRP D 181 37.53 -10.49 29.55
N ILE D 182 38.59 -9.75 29.19
CA ILE D 182 38.81 -8.39 29.67
C ILE D 182 39.41 -7.57 28.54
N GLY D 183 38.96 -6.34 28.37
CA GLY D 183 39.35 -5.54 27.22
C GLY D 183 38.46 -5.78 26.03
N VAL D 184 38.06 -7.04 25.81
CA VAL D 184 37.12 -7.36 24.74
C VAL D 184 35.76 -6.72 24.97
N THR D 185 35.25 -6.76 26.20
CA THR D 185 34.05 -6.01 26.52
C THR D 185 34.36 -4.55 26.84
N SER D 186 35.61 -4.25 27.23
CA SER D 186 35.96 -2.89 27.61
C SER D 186 35.97 -1.97 26.40
N VAL D 187 36.38 -2.48 25.23
CA VAL D 187 36.35 -1.64 24.03
C VAL D 187 34.92 -1.24 23.67
N LEU D 188 33.98 -2.19 23.77
CA LEU D 188 32.58 -1.87 23.54
C LEU D 188 32.06 -0.89 24.59
N LEU D 189 32.45 -1.10 25.85
CA LEU D 189 32.01 -0.20 26.92
C LEU D 189 32.51 1.22 26.70
N LEU D 190 33.73 1.37 26.20
CA LEU D 190 34.28 2.69 25.90
C LEU D 190 33.68 3.29 24.64
N PHE D 191 33.36 2.45 23.64
CA PHE D 191 32.72 2.95 22.43
C PHE D 191 31.33 3.48 22.73
N ILE D 192 30.61 2.86 23.68
CA ILE D 192 29.30 3.38 24.07
C ILE D 192 29.44 4.80 24.61
N VAL D 193 30.42 5.01 25.48
CA VAL D 193 30.65 6.33 26.06
C VAL D 193 31.05 7.33 24.98
N TYR D 194 31.89 6.90 24.04
CA TYR D 194 32.30 7.79 22.96
C TYR D 194 31.11 8.18 22.09
N ALA D 195 30.24 7.22 21.78
CA ALA D 195 29.05 7.52 20.98
C ALA D 195 28.14 8.50 21.70
N TYR D 196 27.95 8.32 23.01
CA TYR D 196 27.10 9.25 23.74
C TYR D 196 27.73 10.65 23.85
N MET D 197 29.05 10.72 24.01
CA MET D 197 29.73 12.01 23.96
C MET D 197 29.52 12.70 22.63
N TYR D 198 29.65 11.95 21.52
CA TYR D 198 29.44 12.55 20.21
C TYR D 198 28.00 13.01 20.04
N ILE D 199 27.04 12.22 20.54
CA ILE D 199 25.63 12.61 20.44
C ILE D 199 25.39 13.92 21.17
N LEU D 200 25.92 14.02 22.40
CA LEU D 200 25.74 15.24 23.17
C LEU D 200 26.40 16.43 22.48
N TRP D 201 27.60 16.24 21.94
CA TRP D 201 28.29 17.34 21.27
C TRP D 201 27.53 17.79 20.02
N LYS D 202 27.00 16.84 19.25
CA LYS D 202 26.24 17.20 18.05
C LYS D 202 24.95 17.92 18.41
N ALA D 203 24.28 17.49 19.48
CA ALA D 203 23.08 18.19 19.93
C ALA D 203 23.41 19.62 20.36
N HIS D 204 24.50 19.79 21.09
CA HIS D 204 24.91 21.14 21.50
C HIS D 204 25.25 22.00 20.29
N SER D 205 25.95 21.43 19.30
CA SER D 205 26.28 22.18 18.10
C SER D 205 25.02 22.59 17.34
N HIS D 206 24.05 21.69 17.23
CA HIS D 206 22.80 22.04 16.56
C HIS D 206 22.07 23.14 17.32
N ALA D 207 22.05 23.06 18.65
CA ALA D 207 21.40 24.10 19.44
C ALA D 207 22.09 25.46 19.27
N VAL D 208 23.42 25.46 19.27
CA VAL D 208 24.12 26.74 19.12
C VAL D 208 23.98 27.29 17.70
N ARG D 209 23.89 26.41 16.70
CA ARG D 209 23.61 26.88 15.34
C ARG D 209 22.22 27.49 15.24
N MET D 210 21.23 26.88 15.89
CA MET D 210 19.89 27.45 15.92
C MET D 210 19.88 28.80 16.62
N ILE D 211 20.63 28.92 17.72
CA ILE D 211 20.72 30.19 18.42
C ILE D 211 21.37 31.25 17.53
N GLN D 212 22.44 30.88 16.82
CA GLN D 212 23.08 31.81 15.91
C GLN D 212 22.15 32.24 14.79
N ARG D 213 21.35 31.31 14.27
CA ARG D 213 20.34 31.67 13.28
C ARG D 213 19.33 32.66 13.87
N GLY D 214 18.90 32.43 15.10
CA GLY D 214 18.07 33.38 15.80
C GLY D 214 16.58 33.17 15.67
N ALA D 237 17.86 26.10 24.81
CA ALA D 237 17.30 25.01 24.01
C ALA D 237 16.74 23.92 24.92
N ARG D 238 15.54 23.44 24.60
CA ARG D 238 14.89 22.39 25.37
C ARG D 238 15.25 20.99 24.90
N MET D 239 15.99 20.85 23.80
CA MET D 239 16.41 19.56 23.31
C MET D 239 17.75 19.12 23.92
N ASP D 240 18.72 20.03 23.94
CA ASP D 240 20.03 19.70 24.48
C ASP D 240 19.95 19.36 25.96
N ILE D 241 19.17 20.14 26.71
CA ILE D 241 19.04 19.89 28.15
C ILE D 241 18.37 18.54 28.40
N ARG D 242 17.31 18.24 27.65
CA ARG D 242 16.63 16.96 27.82
C ARG D 242 17.56 15.79 27.47
N LEU D 243 18.31 15.92 26.38
CA LEU D 243 19.25 14.86 26.01
C LEU D 243 20.32 14.67 27.07
N ALA D 244 20.86 15.77 27.59
CA ALA D 244 21.88 15.66 28.64
C ALA D 244 21.31 15.00 29.89
N LYS D 245 20.08 15.38 30.27
CA LYS D 245 19.46 14.76 31.44
C LYS D 245 19.23 13.27 31.23
N THR D 246 18.81 12.89 30.03
CA THR D 246 18.58 11.48 29.75
C THR D 246 19.88 10.68 29.73
N LEU D 247 20.96 11.27 29.20
CA LEU D 247 22.20 10.53 29.01
C LEU D 247 23.09 10.48 30.25
N VAL D 248 23.05 11.51 31.10
CA VAL D 248 23.97 11.56 32.24
C VAL D 248 23.69 10.42 33.21
N LEU D 249 22.42 10.17 33.50
CA LEU D 249 22.07 9.09 34.44
C LEU D 249 22.51 7.74 33.89
N ILE D 250 22.25 7.49 32.61
CA ILE D 250 22.64 6.21 32.00
C ILE D 250 24.15 6.04 32.07
N LEU D 251 24.89 7.10 31.73
CA LEU D 251 26.35 6.99 31.68
C LEU D 251 26.94 6.83 33.09
N VAL D 252 26.40 7.53 34.08
CA VAL D 252 26.94 7.41 35.43
C VAL D 252 26.65 6.02 35.98
N VAL D 253 25.45 5.48 35.71
CA VAL D 253 25.14 4.13 36.14
C VAL D 253 26.08 3.13 35.49
N LEU D 254 26.31 3.29 34.17
CA LEU D 254 27.18 2.37 33.44
C LEU D 254 28.62 2.44 33.94
N ILE D 255 29.12 3.63 34.24
CA ILE D 255 30.52 3.76 34.66
C ILE D 255 30.71 3.40 36.14
N ILE D 256 29.65 3.48 36.96
CA ILE D 256 29.79 3.08 38.35
C ILE D 256 29.64 1.58 38.51
N CYS D 257 28.73 0.96 37.75
CA CYS D 257 28.50 -0.47 37.91
C CYS D 257 29.64 -1.30 37.37
N TRP D 258 30.17 -0.95 36.20
CA TRP D 258 31.11 -1.79 35.47
C TRP D 258 32.57 -1.43 35.74
N GLY D 259 32.82 -0.47 36.63
CA GLY D 259 34.17 -0.02 36.88
C GLY D 259 34.94 -0.82 37.91
N PRO D 260 34.43 -0.87 39.15
CA PRO D 260 35.18 -1.57 40.20
C PRO D 260 35.40 -3.05 39.92
N LEU D 261 34.41 -3.73 39.34
CA LEU D 261 34.54 -5.17 39.11
C LEU D 261 35.64 -5.46 38.09
N LEU D 262 35.62 -4.73 36.96
CA LEU D 262 36.66 -4.93 35.95
C LEU D 262 38.02 -4.48 36.48
N ALA D 263 38.06 -3.42 37.30
CA ALA D 263 39.32 -3.00 37.88
C ALA D 263 39.90 -4.09 38.77
N ILE D 264 39.07 -4.71 39.60
CA ILE D 264 39.54 -5.80 40.46
C ILE D 264 40.01 -6.98 39.62
N MET D 265 39.26 -7.33 38.57
CA MET D 265 39.66 -8.44 37.72
C MET D 265 41.00 -8.17 37.04
N VAL D 266 41.21 -6.95 36.57
CA VAL D 266 42.47 -6.60 35.93
C VAL D 266 43.61 -6.62 36.94
N TYR D 267 43.38 -6.09 38.14
CA TYR D 267 44.44 -6.05 39.15
C TYR D 267 44.80 -7.45 39.62
N ASP D 268 43.84 -8.37 39.64
CA ASP D 268 44.10 -9.76 40.01
C ASP D 268 44.65 -10.53 38.80
N VAL D 269 45.84 -10.11 38.38
CA VAL D 269 46.52 -10.75 37.25
C VAL D 269 47.81 -11.44 37.65
N PHE D 270 48.44 -11.07 38.76
CA PHE D 270 49.67 -11.71 39.21
C PHE D 270 49.43 -12.97 40.02
N GLY D 271 48.16 -13.35 40.23
CA GLY D 271 47.85 -14.53 40.99
C GLY D 271 47.74 -14.35 42.49
N LYS D 272 47.84 -13.11 42.98
CA LYS D 272 47.77 -12.83 44.42
C LYS D 272 46.35 -12.39 44.76
N MET D 273 45.80 -12.97 45.83
CA MET D 273 44.46 -12.62 46.29
C MET D 273 44.34 -12.99 47.77
N ASN D 274 43.34 -12.41 48.42
CA ASN D 274 43.12 -12.63 49.84
C ASN D 274 41.62 -12.72 50.11
N LYS D 275 41.30 -13.02 51.37
CA LYS D 275 39.90 -13.12 51.77
C LYS D 275 39.18 -11.78 51.63
N LEU D 276 39.88 -10.68 51.88
CA LEU D 276 39.28 -9.36 51.65
C LEU D 276 38.93 -9.17 50.18
N ILE D 277 39.81 -9.61 49.28
CA ILE D 277 39.54 -9.50 47.85
C ILE D 277 38.35 -10.37 47.47
N LYS D 278 38.28 -11.59 48.02
CA LYS D 278 37.12 -12.45 47.74
C LYS D 278 35.83 -11.82 48.23
N THR D 279 35.86 -11.23 49.44
CA THR D 279 34.65 -10.61 49.98
C THR D 279 34.21 -9.41 49.14
N VAL D 280 35.17 -8.58 48.71
CA VAL D 280 34.79 -7.42 47.91
C VAL D 280 34.29 -7.86 46.53
N PHE D 281 34.86 -8.93 45.96
CA PHE D 281 34.34 -9.46 44.71
C PHE D 281 32.91 -9.98 44.87
N ALA D 282 32.65 -10.69 45.98
CA ALA D 282 31.29 -11.15 46.24
C ALA D 282 30.34 -9.98 46.41
N PHE D 283 30.77 -8.92 47.09
CA PHE D 283 29.94 -7.73 47.24
C PHE D 283 29.65 -7.07 45.90
N CYS D 284 30.67 -6.95 45.05
CA CYS D 284 30.52 -6.29 43.77
C CYS D 284 29.74 -7.15 42.77
N SER D 285 29.61 -8.45 43.03
CA SER D 285 28.77 -9.28 42.16
C SER D 285 27.34 -8.76 42.10
N MET D 286 26.76 -8.39 43.23
CA MET D 286 25.40 -7.84 43.23
C MET D 286 25.33 -6.51 42.51
N LEU D 287 26.35 -5.65 42.70
CA LEU D 287 26.36 -4.38 41.98
C LEU D 287 26.42 -4.59 40.47
N CYS D 288 27.22 -5.57 40.03
CA CYS D 288 27.29 -5.89 38.61
C CYS D 288 25.95 -6.42 38.11
N LEU D 289 25.29 -7.27 38.89
CA LEU D 289 23.99 -7.79 38.49
C LEU D 289 22.93 -6.70 38.45
N LEU D 290 23.12 -5.63 39.22
CA LEU D 290 22.16 -4.53 39.28
C LEU D 290 21.83 -3.95 37.90
N ASN D 291 22.64 -4.24 36.88
CA ASN D 291 22.31 -3.80 35.52
C ASN D 291 20.97 -4.40 35.08
N SER D 292 20.77 -5.69 35.32
CA SER D 292 19.51 -6.34 34.96
C SER D 292 18.31 -5.74 35.67
N THR D 293 18.54 -5.01 36.77
CA THR D 293 17.48 -4.32 37.47
C THR D 293 17.24 -2.92 36.92
N VAL D 294 18.30 -2.18 36.62
CA VAL D 294 18.15 -0.76 36.32
C VAL D 294 18.05 -0.49 34.83
N ASN D 295 18.89 -1.14 34.01
CA ASN D 295 18.96 -0.78 32.59
C ASN D 295 17.66 -1.04 31.84
N PRO D 296 17.02 -2.22 31.94
CA PRO D 296 15.73 -2.38 31.22
C PRO D 296 14.68 -1.38 31.66
N ILE D 297 14.61 -1.09 32.96
CA ILE D 297 13.60 -0.15 33.45
C ILE D 297 13.85 1.24 32.89
N ILE D 298 15.09 1.70 32.93
CA ILE D 298 15.42 3.03 32.42
C ILE D 298 15.15 3.10 30.93
N TYR D 299 15.56 2.07 30.18
CA TYR D 299 15.43 2.12 28.73
C TYR D 299 13.97 2.04 28.30
N ALA D 300 13.14 1.32 29.05
CA ALA D 300 11.73 1.21 28.73
C ALA D 300 10.89 2.35 29.31
N LEU D 301 11.45 3.14 30.23
CA LEU D 301 10.71 4.26 30.80
C LEU D 301 11.09 5.62 30.22
N ARG D 302 12.31 5.77 29.68
CA ARG D 302 12.70 7.06 29.11
C ARG D 302 11.86 7.41 27.90
N SER D 303 11.57 6.43 27.05
CA SER D 303 10.79 6.69 25.84
C SER D 303 9.34 7.02 26.20
N LYS D 304 8.85 8.13 25.66
CA LYS D 304 7.48 8.57 25.93
C LYS D 304 6.46 7.81 25.11
N ASP D 305 6.88 7.09 24.06
CA ASP D 305 5.94 6.33 23.25
C ASP D 305 5.29 5.23 24.08
N LEU D 306 6.07 4.56 24.92
CA LEU D 306 5.51 3.51 25.79
C LEU D 306 4.51 4.09 26.77
N ARG D 307 4.83 5.24 27.37
CA ARG D 307 3.89 5.87 28.30
C ARG D 307 2.61 6.29 27.60
N HIS D 308 2.73 6.84 26.39
CA HIS D 308 1.53 7.22 25.63
C HIS D 308 0.69 6.00 25.28
N ALA D 309 1.33 4.89 24.91
CA ALA D 309 0.60 3.67 24.60
C ALA D 309 -0.11 3.12 25.83
N PHE D 310 0.57 3.14 26.97
CA PHE D 310 -0.01 2.63 28.21
C PHE D 310 -0.26 3.77 29.20
N VAL E 2 4.36 -4.94 -34.69
CA VAL E 2 3.76 -4.81 -36.01
C VAL E 2 4.69 -5.41 -37.06
N GLN E 3 5.99 -5.46 -36.75
CA GLN E 3 6.98 -5.98 -37.68
C GLN E 3 8.07 -6.70 -36.89
N LEU E 4 8.43 -7.89 -37.34
CA LEU E 4 9.46 -8.70 -36.70
C LEU E 4 10.32 -9.30 -37.80
N VAL E 5 11.54 -8.79 -37.94
CA VAL E 5 12.40 -9.13 -39.07
C VAL E 5 13.55 -9.99 -38.57
N GLU E 6 13.69 -11.17 -39.15
CA GLU E 6 14.80 -12.08 -38.87
C GLU E 6 15.83 -11.99 -39.99
N SER E 7 17.10 -11.86 -39.63
CA SER E 7 18.17 -11.64 -40.58
C SER E 7 19.28 -12.67 -40.37
N GLY E 8 20.05 -12.88 -41.44
CA GLY E 8 21.11 -13.86 -41.45
C GLY E 8 20.84 -14.99 -42.42
N GLY E 9 21.47 -14.94 -43.59
CA GLY E 9 21.28 -15.98 -44.59
C GLY E 9 22.31 -17.08 -44.45
N GLY E 10 21.85 -18.29 -44.15
CA GLY E 10 22.75 -19.38 -43.87
C GLY E 10 23.22 -20.16 -45.08
N LEU E 11 24.41 -19.82 -45.58
CA LEU E 11 25.06 -20.60 -46.63
C LEU E 11 26.56 -20.47 -46.41
N VAL E 12 27.14 -21.42 -45.68
CA VAL E 12 28.55 -21.41 -45.34
C VAL E 12 29.13 -22.80 -45.55
N GLN E 13 30.46 -22.87 -45.63
CA GLN E 13 31.13 -24.15 -45.74
C GLN E 13 30.99 -24.94 -44.44
N PRO E 14 30.96 -26.27 -44.51
CA PRO E 14 30.82 -27.07 -43.29
C PRO E 14 32.02 -26.89 -42.37
N GLY E 15 31.75 -26.99 -41.07
CA GLY E 15 32.77 -26.84 -40.06
C GLY E 15 32.93 -25.45 -39.48
N GLY E 16 31.99 -24.54 -39.74
CA GLY E 16 32.09 -23.19 -39.24
C GLY E 16 30.95 -22.78 -38.33
N SER E 17 30.94 -21.52 -37.90
CA SER E 17 29.92 -21.01 -37.01
C SER E 17 29.47 -19.63 -37.50
N ARG E 18 28.24 -19.26 -37.18
CA ARG E 18 27.70 -17.97 -37.58
C ARG E 18 26.59 -17.57 -36.60
N LYS E 19 26.02 -16.40 -36.87
CA LYS E 19 24.98 -15.83 -36.04
C LYS E 19 23.71 -15.63 -36.85
N LEU E 20 22.55 -15.81 -36.21
CA LEU E 20 21.26 -15.56 -36.83
C LEU E 20 20.49 -14.58 -35.95
N SER E 21 20.26 -13.37 -36.45
CA SER E 21 19.73 -12.30 -35.62
C SER E 21 18.26 -12.05 -35.94
N CYS E 22 17.62 -11.26 -35.08
CA CYS E 22 16.25 -10.85 -35.32
C CYS E 22 15.98 -9.58 -34.51
N SER E 23 15.20 -8.68 -35.09
CA SER E 23 14.87 -7.39 -34.50
C SER E 23 13.37 -7.16 -34.59
N ALA E 24 12.83 -6.48 -33.58
CA ALA E 24 11.40 -6.21 -33.48
C ALA E 24 11.15 -4.71 -33.50
N SER E 25 10.01 -4.31 -34.07
CA SER E 25 9.61 -2.92 -34.14
C SER E 25 8.24 -2.74 -33.51
N GLY E 26 8.11 -1.74 -32.65
CA GLY E 26 6.84 -1.49 -32.00
C GLY E 26 6.39 -2.58 -31.05
N PHE E 27 7.31 -3.14 -30.28
CA PHE E 27 7.02 -4.18 -29.30
C PHE E 27 7.59 -3.79 -27.94
N ALA E 28 6.99 -4.34 -26.90
CA ALA E 28 7.56 -4.29 -25.55
C ALA E 28 8.47 -5.50 -25.37
N PHE E 29 9.61 -5.45 -26.06
CA PHE E 29 10.53 -6.58 -26.10
C PHE E 29 11.02 -6.95 -24.70
N SER E 30 11.07 -5.99 -23.78
CA SER E 30 11.52 -6.26 -22.43
C SER E 30 10.52 -7.07 -21.62
N SER E 31 9.30 -7.28 -22.12
CA SER E 31 8.28 -8.01 -21.39
C SER E 31 7.69 -9.14 -22.25
N PHE E 32 8.47 -9.66 -23.19
CA PHE E 32 8.03 -10.73 -24.07
C PHE E 32 9.00 -11.91 -23.98
N GLY E 33 8.46 -13.10 -23.78
CA GLY E 33 9.21 -14.30 -24.06
C GLY E 33 9.31 -14.54 -25.55
N MET E 34 10.38 -15.21 -25.97
CA MET E 34 10.63 -15.31 -27.41
C MET E 34 11.26 -16.66 -27.70
N HIS E 35 10.52 -17.52 -28.40
CA HIS E 35 10.99 -18.87 -28.71
C HIS E 35 11.79 -18.83 -30.01
N TRP E 36 12.27 -20.00 -30.43
CA TRP E 36 12.89 -20.20 -31.72
C TRP E 36 12.46 -21.55 -32.27
N VAL E 37 12.04 -21.57 -33.54
CA VAL E 37 11.56 -22.81 -34.15
C VAL E 37 12.16 -22.96 -35.54
N ARG E 38 12.12 -24.18 -36.06
CA ARG E 38 12.55 -24.45 -37.41
C ARG E 38 11.47 -25.25 -38.14
N GLN E 39 11.47 -25.10 -39.47
CA GLN E 39 10.59 -25.85 -40.35
C GLN E 39 11.44 -26.57 -41.39
N ALA E 40 11.36 -27.89 -41.39
CA ALA E 40 12.01 -28.71 -42.40
C ALA E 40 11.19 -28.69 -43.69
N PRO E 41 11.77 -29.13 -44.81
CA PRO E 41 10.98 -29.19 -46.06
C PRO E 41 9.69 -29.98 -45.91
N GLU E 42 9.70 -31.07 -45.14
CA GLU E 42 8.48 -31.83 -44.84
C GLU E 42 8.53 -32.23 -43.37
N LYS E 43 8.01 -31.36 -42.50
CA LYS E 43 7.92 -31.63 -41.07
C LYS E 43 7.06 -30.53 -40.45
N GLY E 44 6.92 -30.58 -39.12
CA GLY E 44 6.13 -29.61 -38.40
C GLY E 44 6.97 -28.55 -37.70
N LEU E 45 6.48 -28.07 -36.56
CA LEU E 45 7.15 -27.01 -35.80
C LEU E 45 7.55 -27.55 -34.43
N GLU E 46 8.80 -27.33 -34.05
CA GLU E 46 9.31 -27.82 -32.78
C GLU E 46 10.30 -26.83 -32.20
N TRP E 47 10.47 -26.89 -30.88
CA TRP E 47 11.34 -25.98 -30.17
C TRP E 47 12.81 -26.24 -30.53
N VAL E 48 13.61 -25.17 -30.52
CA VAL E 48 15.06 -25.31 -30.56
C VAL E 48 15.66 -24.48 -29.44
N ALA E 49 14.89 -23.52 -28.92
CA ALA E 49 15.33 -22.64 -27.85
C ALA E 49 14.17 -21.79 -27.35
N TYR E 50 14.22 -21.38 -26.08
CA TYR E 50 13.18 -20.52 -25.51
C TYR E 50 13.78 -19.67 -24.41
N ILE E 51 13.47 -18.38 -24.42
CA ILE E 51 13.94 -17.43 -23.43
C ILE E 51 12.74 -16.68 -22.87
N SER E 52 12.73 -16.48 -21.55
CA SER E 52 11.66 -15.75 -20.88
C SER E 52 12.11 -14.33 -20.56
N SER E 53 11.14 -13.51 -20.16
CA SER E 53 11.44 -12.13 -19.78
C SER E 53 12.31 -12.11 -18.53
N GLY E 54 13.34 -11.26 -18.54
CA GLY E 54 14.28 -11.19 -17.45
C GLY E 54 15.46 -12.13 -17.56
N SER E 55 15.48 -13.01 -18.56
CA SER E 55 16.58 -13.95 -18.79
C SER E 55 16.81 -14.84 -17.57
N GLY E 56 15.76 -15.56 -17.20
CA GLY E 56 15.83 -16.48 -16.06
C GLY E 56 15.46 -17.89 -16.43
N THR E 57 15.14 -18.11 -17.71
CA THR E 57 14.73 -19.42 -18.20
C THR E 57 15.32 -19.62 -19.58
N ILE E 58 16.26 -20.55 -19.70
CA ILE E 58 17.05 -20.70 -20.92
C ILE E 58 16.85 -22.12 -21.46
N TYR E 59 15.65 -22.66 -21.30
CA TYR E 59 15.32 -24.00 -21.78
C TYR E 59 15.73 -24.18 -23.24
N TYR E 60 16.30 -25.35 -23.53
CA TYR E 60 16.79 -25.69 -24.86
C TYR E 60 16.02 -26.91 -25.38
N ALA E 61 16.46 -27.44 -26.51
CA ALA E 61 15.84 -28.60 -27.14
C ALA E 61 16.65 -29.85 -26.82
N ASP E 62 15.96 -31.00 -26.86
CA ASP E 62 16.63 -32.27 -26.58
C ASP E 62 17.48 -32.72 -27.76
N THR E 63 17.10 -32.34 -28.98
CA THR E 63 17.84 -32.80 -30.16
C THR E 63 19.27 -32.26 -30.17
N VAL E 64 19.45 -30.98 -29.83
CA VAL E 64 20.76 -30.35 -29.80
C VAL E 64 20.92 -29.66 -28.46
N LYS E 65 22.05 -29.90 -27.80
CA LYS E 65 22.32 -29.36 -26.48
C LYS E 65 23.78 -28.99 -26.36
N GLY E 66 24.05 -27.82 -25.79
CA GLY E 66 25.41 -27.36 -25.58
C GLY E 66 26.06 -26.75 -26.80
N ARG E 67 25.35 -26.63 -27.92
CA ARG E 67 25.90 -26.05 -29.14
C ARG E 67 25.19 -24.78 -29.57
N PHE E 68 23.86 -24.70 -29.38
CA PHE E 68 23.10 -23.52 -29.73
C PHE E 68 22.87 -22.68 -28.48
N THR E 69 22.99 -21.35 -28.62
CA THR E 69 22.73 -20.47 -27.50
C THR E 69 22.04 -19.21 -28.01
N ILE E 70 21.33 -18.54 -27.09
CA ILE E 70 20.53 -17.36 -27.41
C ILE E 70 21.04 -16.18 -26.59
N SER E 71 21.22 -15.05 -27.26
CA SER E 71 21.61 -13.81 -26.61
C SER E 71 20.57 -12.74 -26.87
N ARG E 72 20.28 -11.94 -25.84
CA ARG E 72 19.20 -10.97 -25.85
C ARG E 72 19.73 -9.58 -25.53
N ASP E 73 19.15 -8.57 -26.18
CA ASP E 73 19.44 -7.17 -25.89
C ASP E 73 18.13 -6.40 -25.91
N ASP E 74 17.57 -6.17 -24.72
CA ASP E 74 16.31 -5.42 -24.64
C ASP E 74 16.49 -3.96 -25.05
N PRO E 75 17.49 -3.22 -24.55
CA PRO E 75 17.66 -1.84 -25.05
C PRO E 75 17.90 -1.77 -26.54
N LYS E 76 18.61 -2.74 -27.12
CA LYS E 76 18.81 -2.79 -28.56
C LYS E 76 17.68 -3.51 -29.29
N ASN E 77 16.78 -4.16 -28.55
CA ASN E 77 15.63 -4.87 -29.14
C ASN E 77 16.09 -5.91 -30.17
N THR E 78 17.14 -6.65 -29.83
CA THR E 78 17.72 -7.63 -30.74
C THR E 78 17.93 -8.95 -30.04
N LEU E 79 17.47 -10.04 -30.66
CA LEU E 79 17.69 -11.39 -30.16
C LEU E 79 18.41 -12.20 -31.24
N PHE E 80 19.47 -12.90 -30.86
CA PHE E 80 20.19 -13.66 -31.87
C PHE E 80 20.65 -15.00 -31.33
N LEU E 81 20.90 -15.90 -32.27
CA LEU E 81 21.29 -17.29 -32.02
C LEU E 81 22.71 -17.52 -32.48
N GLN E 82 23.51 -18.10 -31.61
CA GLN E 82 24.87 -18.55 -31.91
C GLN E 82 24.86 -20.06 -32.04
N MET E 83 25.39 -20.55 -33.16
CA MET E 83 25.41 -21.97 -33.48
C MET E 83 26.84 -22.45 -33.65
N THR E 84 27.12 -23.65 -33.14
CA THR E 84 28.46 -24.22 -33.21
C THR E 84 28.37 -25.68 -33.66
N SER E 85 29.44 -26.15 -34.29
CA SER E 85 29.55 -27.52 -34.77
C SER E 85 28.41 -27.87 -35.72
N LEU E 86 28.40 -27.18 -36.85
CA LEU E 86 27.36 -27.39 -37.86
C LEU E 86 27.40 -28.82 -38.38
N ARG E 87 26.24 -29.43 -38.50
CA ARG E 87 26.08 -30.79 -39.00
C ARG E 87 25.24 -30.78 -40.27
N SER E 88 25.08 -31.97 -40.86
CA SER E 88 24.39 -32.08 -42.14
C SER E 88 22.89 -31.87 -42.02
N GLU E 89 22.31 -32.03 -40.83
CA GLU E 89 20.87 -31.92 -40.65
C GLU E 89 20.45 -30.50 -40.27
N ASP E 90 20.93 -29.51 -41.05
CA ASP E 90 20.53 -28.11 -40.88
C ASP E 90 20.16 -27.57 -42.25
N THR E 91 18.92 -27.80 -42.67
CA THR E 91 18.40 -27.31 -43.94
C THR E 91 16.98 -26.79 -43.75
N ALA E 92 16.79 -25.97 -42.72
CA ALA E 92 15.46 -25.57 -42.30
C ALA E 92 15.26 -24.07 -42.41
N MET E 93 14.00 -23.66 -42.33
CA MET E 93 13.60 -22.26 -42.26
C MET E 93 13.37 -21.91 -40.79
N TYR E 94 14.11 -20.93 -40.29
CA TYR E 94 14.07 -20.57 -38.88
C TYR E 94 13.11 -19.41 -38.64
N TYR E 95 12.31 -19.53 -37.59
CA TYR E 95 11.36 -18.50 -37.19
C TYR E 95 11.55 -18.18 -35.70
N CYS E 96 11.12 -16.98 -35.32
CA CYS E 96 11.40 -16.39 -34.02
C CYS E 96 10.10 -15.93 -33.36
N VAL E 97 9.13 -16.83 -33.27
CA VAL E 97 7.84 -16.54 -32.64
C VAL E 97 8.02 -15.97 -31.24
N ARG E 98 7.11 -15.09 -30.84
CA ARG E 98 7.12 -14.47 -29.52
C ARG E 98 5.83 -14.78 -28.78
N SER E 99 5.84 -14.59 -27.47
CA SER E 99 4.71 -14.93 -26.62
C SER E 99 4.79 -14.14 -25.32
N ILE E 100 3.64 -14.03 -24.65
CA ILE E 100 3.55 -13.38 -23.35
C ILE E 100 2.51 -14.13 -22.52
N TYR E 101 2.74 -14.16 -21.21
CA TYR E 101 1.92 -14.96 -20.29
C TYR E 101 1.41 -14.08 -19.16
N TYR E 102 0.12 -13.73 -19.21
CA TYR E 102 -0.53 -13.09 -18.08
C TYR E 102 -1.16 -14.14 -17.18
N TYR E 103 -1.99 -13.71 -16.23
CA TYR E 103 -2.67 -14.63 -15.33
C TYR E 103 -4.17 -14.67 -15.62
N SER E 105 -1.62 -13.37 -22.71
CA SER E 105 -2.64 -14.37 -22.45
C SER E 105 -2.91 -15.20 -23.70
N SER E 106 -2.31 -14.79 -24.82
CA SER E 106 -2.41 -15.49 -26.09
C SER E 106 -0.99 -15.73 -26.59
N PRO E 107 -0.32 -16.77 -26.12
CA PRO E 107 1.07 -16.99 -26.52
C PRO E 107 1.18 -17.41 -27.99
N PHE E 108 2.40 -17.26 -28.51
CA PHE E 108 2.72 -17.63 -29.89
C PHE E 108 1.88 -16.84 -30.90
N ASP E 109 1.73 -15.54 -30.65
CA ASP E 109 0.83 -14.73 -31.46
C ASP E 109 1.45 -14.36 -32.80
N PHE E 110 2.59 -13.67 -32.77
CA PHE E 110 3.23 -13.14 -33.97
C PHE E 110 4.41 -14.01 -34.36
N TRP E 111 4.49 -14.34 -35.64
CA TRP E 111 5.57 -15.16 -36.19
C TRP E 111 6.41 -14.31 -37.14
N GLY E 112 7.72 -14.52 -37.09
CA GLY E 112 8.63 -13.81 -37.97
C GLY E 112 8.66 -14.38 -39.37
N GLN E 113 9.41 -13.72 -40.24
CA GLN E 113 9.54 -14.17 -41.62
C GLN E 113 10.44 -15.39 -41.75
N GLY E 114 11.44 -15.52 -40.90
CA GLY E 114 12.33 -16.65 -40.93
C GLY E 114 13.51 -16.47 -41.88
N THR E 115 14.52 -17.29 -41.69
CA THR E 115 15.72 -17.26 -42.51
C THR E 115 16.14 -18.67 -42.88
N THR E 116 16.78 -18.81 -44.03
CA THR E 116 17.16 -20.12 -44.54
C THR E 116 18.40 -20.64 -43.81
N LEU E 117 18.51 -21.97 -43.77
CA LEU E 117 19.74 -22.61 -43.29
C LEU E 117 19.93 -23.88 -44.11
N THR E 118 20.88 -23.85 -45.03
CA THR E 118 21.14 -24.97 -45.93
C THR E 118 22.64 -25.19 -46.05
N VAL E 119 23.01 -26.37 -46.55
CA VAL E 119 24.40 -26.74 -46.78
C VAL E 119 24.61 -26.91 -48.28
N SER E 120 25.62 -26.26 -48.82
CA SER E 120 25.90 -26.32 -50.25
C SER E 120 26.41 -27.71 -50.63
N SER E 121 26.02 -28.15 -51.83
CA SER E 121 26.43 -29.46 -52.33
C SER E 121 27.34 -29.31 -53.53
N SER E 136 11.31 -44.29 -29.21
CA SER E 136 11.76 -43.08 -28.52
C SER E 136 11.17 -41.83 -29.16
N ASP E 137 10.50 -42.01 -30.30
CA ASP E 137 9.88 -40.90 -31.03
C ASP E 137 8.36 -41.06 -30.98
N ILE E 138 7.68 -39.97 -30.62
CA ILE E 138 6.22 -40.00 -30.55
C ILE E 138 5.64 -39.95 -31.95
N VAL E 139 4.76 -40.89 -32.27
CA VAL E 139 4.15 -40.99 -33.59
C VAL E 139 2.64 -41.09 -33.42
N MET E 140 1.90 -40.50 -34.36
CA MET E 140 0.45 -40.50 -34.32
C MET E 140 -0.09 -40.96 -35.67
N THR E 141 -1.14 -41.78 -35.62
CA THR E 141 -1.79 -42.29 -36.82
C THR E 141 -3.30 -42.10 -36.70
N GLN E 142 -3.93 -41.80 -37.83
CA GLN E 142 -5.36 -41.53 -37.89
C GLN E 142 -6.00 -42.42 -38.94
N ALA E 143 -7.29 -42.73 -38.75
CA ALA E 143 -8.02 -43.56 -39.71
C ALA E 143 -8.09 -42.88 -41.07
N THR E 144 -8.38 -41.58 -41.08
CA THR E 144 -8.40 -40.82 -42.33
C THR E 144 -7.01 -40.27 -42.63
N SER E 145 -6.60 -40.38 -43.89
CA SER E 145 -5.27 -39.94 -44.30
C SER E 145 -5.37 -39.23 -45.64
N SER E 146 -4.98 -37.96 -45.67
CA SER E 146 -4.93 -37.16 -46.90
C SER E 146 -6.31 -37.12 -47.59
N VAL E 147 -7.30 -36.67 -46.83
CA VAL E 147 -8.66 -36.58 -47.39
C VAL E 147 -8.75 -35.33 -48.26
N PRO E 148 -9.06 -35.46 -49.55
CA PRO E 148 -9.20 -34.27 -50.40
C PRO E 148 -10.41 -33.44 -50.02
N VAL E 149 -10.31 -32.14 -50.30
CA VAL E 149 -11.40 -31.20 -50.00
C VAL E 149 -12.42 -31.28 -51.12
N THR E 150 -13.66 -31.62 -50.76
CA THR E 150 -14.74 -31.72 -51.75
C THR E 150 -15.40 -30.36 -51.91
N PRO E 151 -15.46 -29.80 -53.12
CA PRO E 151 -16.13 -28.50 -53.29
C PRO E 151 -17.61 -28.59 -52.96
N GLY E 152 -18.15 -27.49 -52.46
CA GLY E 152 -19.55 -27.43 -52.09
C GLY E 152 -19.87 -27.94 -50.71
N GLU E 153 -18.86 -28.23 -49.88
CA GLU E 153 -19.07 -28.73 -48.53
C GLU E 153 -18.01 -28.10 -47.62
N SER E 154 -17.97 -28.57 -46.38
CA SER E 154 -17.03 -28.07 -45.39
C SER E 154 -16.26 -29.23 -44.78
N VAL E 155 -14.99 -28.97 -44.47
CA VAL E 155 -14.10 -29.99 -43.91
C VAL E 155 -13.99 -29.79 -42.41
N SER E 156 -13.86 -30.89 -41.68
CA SER E 156 -13.67 -30.86 -40.24
C SER E 156 -12.44 -31.70 -39.90
N ILE E 157 -11.71 -31.26 -38.87
CA ILE E 157 -10.46 -31.89 -38.47
C ILE E 157 -10.66 -32.52 -37.10
N SER E 158 -10.37 -33.81 -36.99
CA SER E 158 -10.48 -34.52 -35.73
C SER E 158 -9.10 -34.82 -35.17
N CYS E 159 -9.00 -34.85 -33.84
CA CYS E 159 -7.73 -35.13 -33.19
C CYS E 159 -7.99 -35.75 -31.82
N ARG E 160 -7.07 -36.60 -31.39
CA ARG E 160 -7.14 -37.23 -30.08
C ARG E 160 -5.82 -37.01 -29.35
N SER E 161 -5.89 -36.86 -28.03
CA SER E 161 -4.71 -36.62 -27.22
C SER E 161 -4.17 -37.96 -26.71
N SER E 162 -2.90 -38.23 -26.99
CA SER E 162 -2.28 -39.46 -26.50
C SER E 162 -2.23 -39.48 -24.98
N LYS E 163 -1.89 -38.36 -24.35
CA LYS E 163 -1.88 -38.20 -22.90
C LYS E 163 -3.04 -37.30 -22.50
N SER E 164 -3.15 -37.04 -21.20
CA SER E 164 -4.22 -36.21 -20.65
C SER E 164 -3.75 -34.76 -20.69
N LEU E 165 -4.09 -34.07 -21.79
CA LEU E 165 -3.72 -32.67 -21.95
C LEU E 165 -4.42 -31.75 -20.96
N LEU E 166 -5.53 -32.19 -20.37
CA LEU E 166 -6.24 -31.38 -19.40
C LEU E 166 -5.47 -31.32 -18.08
N HIS E 167 -5.33 -30.12 -17.54
CA HIS E 167 -4.61 -29.89 -16.29
C HIS E 167 -5.60 -29.72 -15.15
N SER E 168 -5.08 -29.81 -13.93
CA SER E 168 -5.93 -29.63 -12.75
C SER E 168 -6.56 -28.25 -12.72
N ASN E 169 -5.92 -27.26 -13.33
CA ASN E 169 -6.48 -25.92 -13.42
C ASN E 169 -7.61 -25.82 -14.46
N GLY E 170 -7.80 -26.86 -15.27
CA GLY E 170 -8.75 -26.78 -16.36
C GLY E 170 -8.23 -26.12 -17.61
N ASN E 171 -6.95 -25.78 -17.66
CA ASN E 171 -6.35 -25.09 -18.80
C ASN E 171 -5.88 -26.14 -19.80
N THR E 172 -6.77 -26.51 -20.72
CA THR E 172 -6.41 -27.45 -21.77
C THR E 172 -5.53 -26.78 -22.80
N TYR E 173 -4.41 -27.41 -23.12
CA TYR E 173 -3.46 -26.87 -24.09
C TYR E 173 -3.90 -27.29 -25.48
N LEU E 174 -4.24 -26.31 -26.32
CA LEU E 174 -4.84 -26.59 -27.62
C LEU E 174 -4.41 -25.48 -28.58
N TYR E 175 -3.39 -25.78 -29.40
CA TYR E 175 -2.86 -24.85 -30.39
C TYR E 175 -3.14 -25.37 -31.79
N TRP E 176 -3.53 -24.47 -32.69
CA TRP E 176 -3.97 -24.84 -34.03
C TRP E 176 -3.35 -23.93 -35.08
N PHE E 177 -2.02 -23.80 -35.05
CA PHE E 177 -1.32 -23.00 -36.05
C PHE E 177 -1.66 -23.47 -37.45
N LEU E 178 -1.96 -22.52 -38.33
CA LEU E 178 -2.28 -22.79 -39.73
C LEU E 178 -1.22 -22.11 -40.59
N GLN E 179 -0.63 -22.86 -41.52
CA GLN E 179 0.40 -22.34 -42.40
C GLN E 179 -0.13 -22.33 -43.83
N ARG E 180 -0.37 -21.14 -44.36
CA ARG E 180 -0.70 -20.98 -45.76
C ARG E 180 0.58 -21.06 -46.60
N PRO E 181 0.46 -21.36 -47.90
CA PRO E 181 1.64 -21.25 -48.77
C PRO E 181 2.11 -19.80 -48.85
N GLY E 182 3.27 -19.52 -48.26
CA GLY E 182 3.72 -18.16 -48.11
C GLY E 182 4.93 -18.02 -47.20
N GLN E 183 4.84 -17.13 -46.21
CA GLN E 183 6.00 -16.78 -45.39
C GLN E 183 5.87 -17.29 -43.96
N SER E 184 4.80 -16.94 -43.25
CA SER E 184 4.72 -17.23 -41.82
C SER E 184 3.35 -17.80 -41.48
N PRO E 185 3.28 -18.64 -40.44
CA PRO E 185 1.97 -19.17 -40.01
C PRO E 185 1.15 -18.17 -39.22
N GLN E 186 0.01 -18.61 -38.70
CA GLN E 186 -0.90 -17.73 -37.97
C GLN E 186 -1.51 -18.55 -36.82
N LEU E 187 -2.38 -17.93 -36.03
CA LEU E 187 -3.05 -18.61 -34.93
C LEU E 187 -4.54 -18.79 -35.24
N LEU E 188 -5.08 -19.93 -34.82
CA LEU E 188 -6.51 -20.20 -34.88
C LEU E 188 -7.13 -20.28 -33.49
N ILE E 189 -6.63 -21.18 -32.65
CA ILE E 189 -6.99 -21.24 -31.23
C ILE E 189 -5.71 -21.29 -30.43
N TYR E 190 -5.62 -20.45 -29.38
CA TYR E 190 -4.41 -20.32 -28.59
C TYR E 190 -4.50 -21.02 -27.25
N ARG E 191 -5.52 -21.85 -27.04
CA ARG E 191 -5.69 -22.56 -25.78
C ARG E 191 -6.63 -23.74 -25.92
N PRO E 200 -9.27 -14.48 -38.33
CA PRO E 200 -10.39 -15.36 -38.61
C PRO E 200 -11.64 -15.20 -37.81
N ASP E 201 -12.69 -15.85 -38.29
CA ASP E 201 -13.94 -16.01 -37.55
C ASP E 201 -14.57 -17.38 -37.74
N ARG E 202 -14.51 -17.95 -38.95
CA ARG E 202 -15.21 -19.21 -39.22
C ARG E 202 -14.61 -20.37 -38.44
N PHE E 203 -13.30 -20.33 -38.17
CA PHE E 203 -12.64 -21.42 -37.47
C PHE E 203 -13.19 -21.53 -36.05
N SER E 204 -13.59 -22.73 -35.66
CA SER E 204 -14.12 -22.99 -34.33
C SER E 204 -13.53 -24.28 -33.79
N GLY E 205 -13.48 -24.38 -32.46
CA GLY E 205 -12.93 -25.56 -31.82
C GLY E 205 -13.82 -26.14 -30.73
N SER E 206 -14.13 -27.43 -30.86
CA SER E 206 -14.94 -28.14 -29.88
C SER E 206 -14.08 -29.18 -29.18
N GLY E 207 -14.05 -29.15 -27.86
CA GLY E 207 -13.23 -30.05 -27.08
C GLY E 207 -14.07 -30.85 -26.10
N SER E 208 -13.72 -32.13 -25.94
CA SER E 208 -14.39 -33.01 -24.99
C SER E 208 -13.35 -34.02 -24.51
N GLY E 209 -12.78 -33.77 -23.34
CA GLY E 209 -11.78 -34.65 -22.78
C GLY E 209 -10.56 -34.81 -23.67
N THR E 210 -10.41 -35.98 -24.27
CA THR E 210 -9.29 -36.28 -25.15
C THR E 210 -9.60 -36.05 -26.62
N ALA E 211 -10.80 -35.58 -26.95
CA ALA E 211 -11.22 -35.40 -28.33
C ALA E 211 -11.29 -33.91 -28.67
N PHE E 212 -10.71 -33.53 -29.81
CA PHE E 212 -10.73 -32.16 -30.26
C PHE E 212 -11.17 -32.13 -31.72
N THR E 213 -11.92 -31.09 -32.07
CA THR E 213 -12.46 -30.99 -33.43
C THR E 213 -12.42 -29.53 -33.88
N LEU E 214 -11.74 -29.30 -35.00
CA LEU E 214 -11.72 -28.00 -35.65
C LEU E 214 -12.76 -27.98 -36.76
N THR E 215 -13.58 -26.92 -36.79
CA THR E 215 -14.66 -26.80 -37.75
C THR E 215 -14.52 -25.49 -38.52
N ILE E 216 -14.78 -25.54 -39.82
CA ILE E 216 -14.71 -24.39 -40.70
C ILE E 216 -16.11 -24.14 -41.26
N SER E 217 -16.62 -22.92 -41.07
CA SER E 217 -17.97 -22.60 -41.51
C SER E 217 -18.07 -22.58 -43.03
N ARG E 218 -17.14 -21.86 -43.69
CA ARG E 218 -17.17 -21.73 -45.14
C ARG E 218 -15.75 -21.79 -45.67
N LEU E 219 -15.62 -22.37 -46.87
CA LEU E 219 -14.32 -22.50 -47.52
C LEU E 219 -14.04 -21.30 -48.41
N GLU E 220 -12.76 -21.05 -48.66
CA GLU E 220 -12.34 -19.95 -49.52
C GLU E 220 -10.98 -20.31 -50.12
N ALA E 221 -10.58 -19.54 -51.13
CA ALA E 221 -9.29 -19.77 -51.76
C ALA E 221 -8.12 -19.47 -50.84
N GLU E 222 -8.34 -18.68 -49.79
CA GLU E 222 -7.31 -18.36 -48.81
C GLU E 222 -7.33 -19.30 -47.61
N ASP E 223 -8.22 -20.29 -47.59
CA ASP E 223 -8.35 -21.19 -46.46
C ASP E 223 -7.46 -22.43 -46.61
N VAL E 224 -6.90 -22.65 -47.80
CA VAL E 224 -6.09 -23.83 -48.05
C VAL E 224 -4.74 -23.67 -47.37
N GLY E 225 -4.28 -24.73 -46.71
CA GLY E 225 -3.02 -24.67 -46.01
C GLY E 225 -2.79 -25.95 -45.21
N VAL E 226 -1.70 -25.94 -44.45
CA VAL E 226 -1.30 -27.06 -43.63
C VAL E 226 -1.64 -26.77 -42.18
N TYR E 227 -2.11 -27.80 -41.47
CA TYR E 227 -2.50 -27.68 -40.08
C TYR E 227 -1.58 -28.54 -39.21
N TYR E 228 -1.41 -28.13 -37.96
CA TYR E 228 -0.55 -28.83 -37.02
C TYR E 228 -1.30 -28.99 -35.70
N CYS E 229 -1.05 -30.11 -35.03
CA CYS E 229 -1.80 -30.47 -33.83
C CYS E 229 -0.86 -30.48 -32.63
N MET E 230 -1.48 -30.53 -31.45
CA MET E 230 -0.79 -30.35 -30.18
C MET E 230 -0.50 -31.70 -29.52
N GLN E 231 0.75 -31.88 -29.10
CA GLN E 231 1.15 -33.07 -28.36
C GLN E 231 2.15 -32.72 -27.27
N HIS E 232 1.91 -31.63 -26.54
CA HIS E 232 2.89 -31.14 -25.58
C HIS E 232 2.19 -30.65 -24.32
N LEU E 233 2.77 -31.01 -23.18
CA LEU E 233 2.42 -30.48 -21.87
C LEU E 233 3.62 -30.00 -21.07
N GLU E 234 4.75 -30.70 -21.17
CA GLU E 234 5.90 -30.45 -20.31
C GLU E 234 6.78 -29.35 -20.91
N TYR E 235 7.99 -29.23 -20.36
CA TYR E 235 8.90 -28.17 -20.78
C TYR E 235 9.19 -28.17 -22.28
N PRO E 236 9.51 -29.30 -22.95
CA PRO E 236 9.73 -29.25 -24.40
C PRO E 236 8.40 -29.27 -25.15
N LEU E 237 8.05 -28.14 -25.76
CA LEU E 237 6.83 -28.03 -26.56
C LEU E 237 7.13 -28.51 -27.97
N THR E 238 7.09 -29.83 -28.14
CA THR E 238 7.31 -30.47 -29.43
C THR E 238 5.97 -30.90 -29.99
N PHE E 239 5.31 -30.00 -30.73
CA PHE E 239 4.04 -30.28 -31.37
C PHE E 239 4.19 -30.43 -32.89
N GLY E 240 5.40 -30.76 -33.33
CA GLY E 240 5.68 -30.88 -34.75
C GLY E 240 4.97 -32.01 -35.45
N ALA E 241 4.44 -32.97 -34.70
CA ALA E 241 3.66 -34.05 -35.32
C ALA E 241 2.38 -33.48 -35.89
N GLY E 242 2.17 -33.68 -37.19
CA GLY E 242 0.99 -33.16 -37.85
C GLY E 242 0.90 -33.57 -39.31
N THR E 243 -0.27 -34.02 -39.73
CA THR E 243 -0.48 -34.42 -41.11
C THR E 243 -0.53 -33.18 -42.01
N LYS E 244 -0.05 -33.35 -43.24
CA LYS E 244 -0.09 -32.30 -44.26
C LYS E 244 -1.41 -32.44 -45.03
N LEU E 245 -2.36 -31.54 -44.76
CA LEU E 245 -3.68 -31.59 -45.38
C LEU E 245 -3.84 -30.54 -46.48
N GLU E 246 -2.79 -30.34 -47.31
CA GLU E 246 -2.90 -29.42 -48.43
C GLU E 246 -4.00 -29.85 -49.39
N LEU E 247 -4.12 -31.16 -49.64
CA LEU E 247 -5.17 -31.69 -50.49
C LEU E 247 -6.00 -32.73 -49.73
#